data_6WLG
#
_entry.id   6WLG
#
_cell.length_a   234.854
_cell.length_b   234.854
_cell.length_c   47.567
_cell.angle_alpha   90.000
_cell.angle_beta   90.000
_cell.angle_gamma   120.000
#
_symmetry.space_group_name_H-M   'H 3'
#
_entity_poly.entity_id   1
_entity_poly.type   'polypeptide(L)'
_entity_poly.pdbx_seq_one_letter_code
;HPIKETVVEEPVDITPYLDQLDESLRDKVLQLQKGSDTEAQCEVMQEIVDQVLEEDFDSEQLSVLASCLQELFKAHFRGE
VLPEEITEESLEESVGKPLYLIFRNLCQMQEDNSSFSLLLDLLSELYQKQPKIGYHLLYYLRASKAAAGKMNLYESFAQA
TQLGDLHTCLMMDMKACQEDDVRLLCHLTPSIYTEFPDETLRSGELLNMIVAVIDSAQLQELVCHVMMGNLVMFRKDSVL
NILIQSLDWETFEQYCAWQLFLAHNIPLETIIPILQHLKYKEHPEALSCLLLQLRREKPSEEMVKMVLSRPCHPDDQFTT
SILRHWCMKHDELLAEHIKSLLIKNNSLPRKRQSLRSSSSKLAQLTLEQILEHLDNLRLNLTNTKQNFFSQTPILQALQH
VQASCDEAHKMKFSDLFSLAEEY
;
_entity_poly.pdbx_strand_id   A,B
#
# COMPACT_ATOMS: atom_id res chain seq x y z
N LEU A 18 -34.28 -36.98 14.42
CA LEU A 18 -34.35 -35.88 13.45
C LEU A 18 -32.97 -35.21 13.29
N ASP A 19 -32.30 -34.98 14.40
CA ASP A 19 -30.94 -34.47 14.43
C ASP A 19 -30.14 -35.34 15.38
N GLN A 20 -29.11 -36.00 14.85
CA GLN A 20 -28.32 -36.96 15.63
C GLN A 20 -27.90 -36.37 16.97
N LEU A 21 -28.37 -37.00 18.04
CA LEU A 21 -28.62 -36.37 19.33
C LEU A 21 -27.96 -37.16 20.44
N ASP A 22 -28.16 -36.69 21.68
CA ASP A 22 -27.67 -37.39 22.86
C ASP A 22 -28.40 -36.98 24.13
N GLU A 23 -27.97 -35.87 24.74
CA GLU A 23 -28.34 -35.53 26.12
C GLU A 23 -29.61 -34.69 26.18
N SER A 24 -30.38 -34.90 27.25
CA SER A 24 -31.77 -34.47 27.33
C SER A 24 -31.95 -33.00 27.68
N LEU A 25 -31.00 -32.35 28.33
CA LEU A 25 -31.13 -30.91 28.54
C LEU A 25 -31.11 -30.17 27.20
N ARG A 26 -30.18 -30.53 26.32
CA ARG A 26 -30.18 -30.01 24.97
C ARG A 26 -31.47 -30.40 24.25
N ASP A 27 -32.01 -31.58 24.57
CA ASP A 27 -33.28 -31.98 23.97
C ASP A 27 -34.45 -31.15 24.47
N LYS A 28 -34.39 -30.64 25.71
CA LYS A 28 -35.46 -29.75 26.16
C LYS A 28 -35.37 -28.41 25.46
N VAL A 29 -34.14 -27.93 25.23
CA VAL A 29 -34.00 -26.70 24.46
C VAL A 29 -34.53 -26.90 23.04
N LEU A 30 -34.24 -28.06 22.45
CA LEU A 30 -34.82 -28.40 21.15
C LEU A 30 -36.34 -28.52 21.21
N GLN A 31 -36.87 -29.03 22.32
CA GLN A 31 -38.30 -29.29 22.44
C GLN A 31 -39.08 -27.99 22.48
N LEU A 32 -38.59 -26.99 23.21
CA LEU A 32 -39.29 -25.72 23.25
C LEU A 32 -39.39 -25.10 21.86
N GLN A 33 -38.45 -25.43 20.98
CA GLN A 33 -38.37 -24.82 19.66
C GLN A 33 -38.71 -25.81 18.56
N ALA A 40 -37.39 -17.71 27.55
CA ALA A 40 -37.81 -18.94 28.20
C ALA A 40 -36.77 -20.04 28.01
N GLN A 41 -35.82 -19.81 27.11
CA GLN A 41 -34.78 -20.78 26.80
C GLN A 41 -33.45 -20.44 27.44
N CYS A 42 -33.40 -19.44 28.32
CA CYS A 42 -32.12 -18.94 28.81
C CYS A 42 -31.53 -19.85 29.87
N GLU A 43 -32.28 -20.10 30.94
CA GLU A 43 -31.78 -21.01 31.99
C GLU A 43 -31.66 -22.43 31.45
N VAL A 44 -32.55 -22.81 30.53
CA VAL A 44 -32.49 -24.14 29.91
C VAL A 44 -31.19 -24.31 29.14
N MET A 45 -30.67 -23.22 28.57
CA MET A 45 -29.41 -23.30 27.84
C MET A 45 -28.20 -23.14 28.75
N GLN A 46 -28.30 -22.36 29.84
CA GLN A 46 -27.21 -22.37 30.80
C GLN A 46 -27.04 -23.73 31.46
N GLU A 47 -28.11 -24.53 31.50
CA GLU A 47 -27.95 -25.94 31.86
C GLU A 47 -26.90 -26.60 30.97
N ILE A 48 -27.06 -26.48 29.65
CA ILE A 48 -26.08 -27.03 28.71
C ILE A 48 -24.71 -26.43 28.96
N VAL A 49 -24.67 -25.10 29.14
CA VAL A 49 -23.40 -24.41 29.37
C VAL A 49 -22.64 -25.04 30.53
N ASP A 50 -23.30 -25.15 31.69
CA ASP A 50 -22.68 -25.77 32.85
C ASP A 50 -22.34 -27.24 32.59
N GLN A 51 -23.10 -27.91 31.72
CA GLN A 51 -22.82 -29.30 31.45
C GLN A 51 -21.59 -29.48 30.56
N VAL A 52 -21.25 -28.46 29.77
CA VAL A 52 -20.10 -28.56 28.87
C VAL A 52 -18.89 -27.95 29.58
N LEU A 53 -18.65 -28.39 30.81
CA LEU A 53 -17.45 -28.02 31.54
C LEU A 53 -16.57 -29.22 31.86
N GLU A 54 -17.14 -30.29 32.39
CA GLU A 54 -16.40 -31.54 32.64
C GLU A 54 -16.87 -32.53 31.58
N GLU A 55 -16.28 -32.41 30.39
CA GLU A 55 -16.85 -33.03 29.21
C GLU A 55 -15.74 -33.52 28.31
N ASP A 56 -16.04 -34.59 27.57
CA ASP A 56 -15.16 -35.01 26.50
C ASP A 56 -15.10 -33.95 25.41
N PHE A 57 -13.91 -33.62 24.94
CA PHE A 57 -13.76 -32.66 23.87
C PHE A 57 -13.88 -33.30 22.48
N ASP A 58 -14.63 -34.40 22.40
CA ASP A 58 -14.90 -35.08 21.13
C ASP A 58 -16.32 -34.91 20.62
N SER A 59 -17.27 -34.55 21.48
CA SER A 59 -18.68 -34.56 21.12
C SER A 59 -19.30 -33.17 21.12
N GLU A 60 -18.50 -32.13 20.84
CA GLU A 60 -19.08 -30.79 20.79
C GLU A 60 -19.44 -30.35 19.38
N GLN A 61 -18.89 -31.00 18.36
CA GLN A 61 -19.24 -30.61 17.00
C GLN A 61 -20.71 -30.89 16.70
N LEU A 62 -21.28 -31.95 17.28
CA LEU A 62 -22.69 -32.21 17.06
C LEU A 62 -23.58 -31.30 17.90
N SER A 63 -23.15 -30.94 19.11
CA SER A 63 -23.89 -29.94 19.87
C SER A 63 -23.92 -28.60 19.13
N VAL A 64 -22.77 -28.18 18.58
CA VAL A 64 -22.75 -26.91 17.86
C VAL A 64 -23.44 -27.05 16.52
N LEU A 65 -23.48 -28.25 15.94
CA LEU A 65 -24.24 -28.45 14.70
C LEU A 65 -25.73 -28.33 14.96
N ALA A 66 -26.21 -28.92 16.06
CA ALA A 66 -27.60 -28.71 16.48
C ALA A 66 -27.88 -27.24 16.69
N SER A 67 -27.00 -26.55 17.43
CA SER A 67 -27.20 -25.13 17.71
C SER A 67 -27.17 -24.29 16.44
N CYS A 68 -26.36 -24.68 15.46
CA CYS A 68 -26.26 -23.91 14.22
C CYS A 68 -27.46 -24.15 13.33
N LEU A 69 -27.90 -25.40 13.20
CA LEU A 69 -29.10 -25.70 12.43
C LEU A 69 -30.35 -25.19 13.15
N GLN A 70 -30.24 -24.87 14.44
CA GLN A 70 -31.32 -24.22 15.15
C GLN A 70 -31.55 -22.81 14.60
N GLU A 71 -30.47 -22.05 14.46
CA GLU A 71 -30.56 -20.62 14.19
C GLU A 71 -30.24 -20.31 12.73
N VAL A 81 -30.81 -7.40 14.27
CA VAL A 81 -29.78 -7.36 15.30
C VAL A 81 -29.92 -6.10 16.15
N LEU A 82 -29.97 -4.95 15.50
CA LEU A 82 -30.08 -3.68 16.21
C LEU A 82 -31.53 -3.40 16.57
N PRO A 83 -31.83 -3.01 17.82
CA PRO A 83 -33.14 -2.47 18.13
C PRO A 83 -33.40 -1.21 17.32
N GLU A 84 -34.67 -1.01 16.94
CA GLU A 84 -35.01 0.13 16.12
C GLU A 84 -34.74 1.45 16.84
N GLU A 85 -35.07 1.51 18.12
CA GLU A 85 -34.68 2.64 18.98
C GLU A 85 -33.51 2.16 19.85
N ILE A 86 -32.30 2.56 19.48
CA ILE A 86 -31.10 2.14 20.17
C ILE A 86 -30.97 2.83 21.52
N THR A 87 -31.70 2.33 22.52
CA THR A 87 -31.61 2.81 23.88
C THR A 87 -30.91 1.76 24.73
N GLU A 88 -29.90 2.18 25.50
CA GLU A 88 -29.16 1.26 26.38
C GLU A 88 -30.11 0.66 27.43
N GLU A 89 -31.34 0.37 27.01
CA GLU A 89 -32.31 -0.35 27.81
C GLU A 89 -33.15 -1.23 26.89
N SER A 90 -32.95 -1.08 25.57
CA SER A 90 -33.49 -1.99 24.57
C SER A 90 -32.44 -2.67 23.71
N LEU A 91 -31.20 -2.17 23.68
CA LEU A 91 -30.11 -2.98 23.15
C LEU A 91 -29.73 -4.06 24.15
N GLU A 92 -29.85 -3.75 25.45
CA GLU A 92 -29.71 -4.82 26.42
C GLU A 92 -30.91 -5.76 26.40
N GLU A 93 -31.96 -5.43 25.64
CA GLU A 93 -33.01 -6.42 25.39
C GLU A 93 -32.50 -7.52 24.47
N SER A 94 -31.69 -7.15 23.48
CA SER A 94 -31.08 -8.13 22.58
C SER A 94 -29.81 -8.75 23.12
N VAL A 95 -29.12 -8.12 24.07
CA VAL A 95 -27.88 -8.75 24.56
C VAL A 95 -28.21 -10.00 25.32
N GLY A 96 -29.45 -10.12 25.82
CA GLY A 96 -29.91 -11.29 26.54
C GLY A 96 -29.94 -12.51 25.64
N LYS A 97 -31.15 -13.00 25.32
CA LYS A 97 -31.32 -14.00 24.27
C LYS A 97 -30.62 -15.31 24.64
N PRO A 98 -30.72 -16.40 23.82
CA PRO A 98 -30.15 -17.68 24.29
C PRO A 98 -28.66 -17.81 24.01
N LEU A 99 -28.23 -17.52 22.79
CA LEU A 99 -26.83 -17.76 22.42
C LEU A 99 -25.89 -16.85 23.19
N TYR A 100 -26.26 -15.58 23.37
CA TYR A 100 -25.36 -14.63 24.02
C TYR A 100 -24.98 -15.07 25.42
N LEU A 101 -25.79 -15.93 26.05
CA LEU A 101 -25.47 -16.41 27.39
C LEU A 101 -24.11 -17.10 27.42
N ILE A 102 -23.76 -17.83 26.35
CA ILE A 102 -22.40 -18.36 26.25
C ILE A 102 -21.39 -17.26 26.49
N PHE A 103 -21.49 -16.18 25.71
CA PHE A 103 -20.66 -15.00 25.92
C PHE A 103 -20.68 -14.60 27.38
N ARG A 104 -21.88 -14.48 27.95
CA ARG A 104 -22.02 -14.11 29.36
C ARG A 104 -21.24 -15.05 30.25
N ASN A 105 -21.40 -16.36 30.04
CA ASN A 105 -20.72 -17.31 30.90
C ASN A 105 -19.20 -17.23 30.76
N LEU A 106 -18.72 -16.62 29.69
CA LEU A 106 -17.28 -16.44 29.50
C LEU A 106 -16.81 -15.06 29.92
N CYS A 107 -17.73 -14.13 30.18
CA CYS A 107 -17.37 -12.82 30.72
C CYS A 107 -17.26 -12.82 32.24
N GLN A 108 -17.51 -13.97 32.87
CA GLN A 108 -17.22 -14.18 34.28
C GLN A 108 -16.00 -15.06 34.45
N MET A 109 -15.26 -15.28 33.38
CA MET A 109 -14.03 -16.05 33.40
C MET A 109 -12.84 -15.10 33.26
N SER A 114 -6.34 -19.52 34.49
CA SER A 114 -7.23 -20.12 35.46
C SER A 114 -8.14 -21.13 34.77
N SER A 115 -9.45 -20.99 34.99
CA SER A 115 -10.45 -21.67 34.18
C SER A 115 -11.10 -20.72 33.19
N PHE A 116 -10.39 -19.65 32.82
CA PHE A 116 -10.90 -18.61 31.94
C PHE A 116 -10.74 -18.97 30.46
N SER A 117 -10.40 -20.22 30.15
CA SER A 117 -10.00 -20.58 28.80
C SER A 117 -10.72 -21.83 28.27
N LEU A 118 -11.16 -22.70 29.18
CA LEU A 118 -11.65 -24.03 28.83
C LEU A 118 -13.12 -24.07 28.44
N LEU A 119 -13.56 -23.13 27.60
CA LEU A 119 -14.92 -23.17 27.09
C LEU A 119 -15.05 -22.39 25.78
N LEU A 120 -13.92 -21.92 25.24
CA LEU A 120 -13.95 -21.25 23.95
C LEU A 120 -13.98 -22.23 22.78
N ASP A 121 -13.81 -23.52 23.04
CA ASP A 121 -13.90 -24.52 21.98
C ASP A 121 -15.31 -24.60 21.41
N LEU A 122 -16.32 -24.47 22.27
CA LEU A 122 -17.71 -24.54 21.83
C LEU A 122 -18.05 -23.44 20.84
N LEU A 123 -17.75 -22.18 21.19
CA LEU A 123 -18.04 -21.10 20.26
C LEU A 123 -17.05 -21.07 19.11
N SER A 124 -15.85 -21.64 19.26
CA SER A 124 -14.97 -21.82 18.11
C SER A 124 -15.62 -22.72 17.08
N GLU A 125 -16.22 -23.83 17.52
CA GLU A 125 -16.93 -24.68 16.57
C GLU A 125 -18.20 -24.01 16.05
N LEU A 126 -18.87 -23.20 16.87
CA LEU A 126 -19.97 -22.40 16.36
C LEU A 126 -19.52 -21.51 15.22
N TYR A 127 -18.35 -20.87 15.38
CA TYR A 127 -17.82 -19.97 14.36
C TYR A 127 -17.40 -20.76 13.11
N GLN A 128 -16.86 -21.96 13.30
CA GLN A 128 -16.51 -22.79 12.16
C GLN A 128 -17.75 -23.28 11.42
N LYS A 129 -18.87 -23.45 12.14
CA LYS A 129 -20.14 -23.79 11.51
C LYS A 129 -20.84 -22.52 11.01
N GLN A 130 -21.24 -21.66 11.95
CA GLN A 130 -21.90 -20.41 11.62
C GLN A 130 -20.91 -19.26 11.80
N PRO A 131 -20.42 -18.66 10.71
CA PRO A 131 -19.45 -17.55 10.87
C PRO A 131 -20.03 -16.30 11.53
N LYS A 132 -21.33 -16.04 11.35
CA LYS A 132 -21.90 -14.75 11.75
C LYS A 132 -21.64 -14.42 13.21
N ILE A 133 -21.64 -15.44 14.08
CA ILE A 133 -21.44 -15.21 15.51
C ILE A 133 -20.19 -14.37 15.78
N GLY A 134 -19.18 -14.49 14.90
CA GLY A 134 -17.96 -13.72 15.06
C GLY A 134 -18.20 -12.25 15.29
N TYR A 135 -19.15 -11.66 14.57
CA TYR A 135 -19.46 -10.26 14.83
C TYR A 135 -20.55 -10.08 15.89
N HIS A 136 -21.43 -11.08 16.04
CA HIS A 136 -22.40 -11.03 17.12
C HIS A 136 -21.71 -10.87 18.47
N LEU A 137 -20.63 -11.64 18.69
CA LEU A 137 -19.79 -11.44 19.86
C LEU A 137 -19.40 -9.99 20.01
N LEU A 138 -18.86 -9.37 18.95
CA LEU A 138 -18.54 -7.95 18.98
C LEU A 138 -19.75 -7.15 19.42
N TYR A 139 -20.92 -7.41 18.82
CA TYR A 139 -22.14 -6.75 19.25
C TYR A 139 -22.37 -6.96 20.74
N TYR A 140 -22.24 -8.20 21.21
CA TYR A 140 -22.39 -8.47 22.63
C TYR A 140 -21.39 -7.65 23.44
N LEU A 141 -20.15 -7.56 22.96
CA LEU A 141 -19.14 -6.82 23.70
C LEU A 141 -19.39 -5.32 23.68
N ARG A 142 -20.35 -4.85 22.87
CA ARG A 142 -20.64 -3.44 22.74
C ARG A 142 -22.13 -3.20 23.00
N ALA A 147 -23.57 -5.25 27.80
CA ALA A 147 -23.27 -5.02 29.21
C ALA A 147 -22.07 -5.83 29.64
N ALA A 148 -21.19 -6.12 28.68
CA ALA A 148 -19.93 -6.80 28.94
C ALA A 148 -18.88 -5.81 29.46
N GLY A 149 -17.74 -6.35 29.86
CA GLY A 149 -16.71 -5.57 30.52
C GLY A 149 -15.87 -4.81 29.52
N LYS A 150 -14.82 -5.43 28.99
CA LYS A 150 -14.08 -4.89 27.86
C LYS A 150 -13.86 -5.96 26.80
N MET A 151 -13.63 -5.49 25.57
CA MET A 151 -13.55 -6.32 24.37
C MET A 151 -12.31 -7.20 24.29
N ASN A 152 -11.47 -7.26 25.34
CA ASN A 152 -10.32 -8.15 25.32
C ASN A 152 -10.72 -9.63 25.25
N LEU A 153 -12.03 -9.93 25.31
CA LEU A 153 -12.48 -11.29 25.09
C LEU A 153 -12.38 -11.68 23.61
N TYR A 154 -12.65 -10.74 22.71
CA TYR A 154 -12.77 -11.09 21.29
C TYR A 154 -11.47 -11.67 20.75
N GLU A 155 -10.33 -11.10 21.14
CA GLU A 155 -9.04 -11.67 20.78
C GLU A 155 -8.98 -13.15 21.16
N SER A 156 -9.36 -13.46 22.40
CA SER A 156 -9.36 -14.85 22.85
C SER A 156 -10.25 -15.72 21.96
N PHE A 157 -11.33 -15.16 21.42
CA PHE A 157 -12.15 -15.89 20.47
C PHE A 157 -11.47 -15.99 19.11
N ALA A 158 -10.77 -14.94 18.70
CA ALA A 158 -10.13 -14.93 17.39
C ALA A 158 -9.07 -16.01 17.27
N GLN A 159 -8.34 -16.27 18.35
CA GLN A 159 -7.29 -17.28 18.35
C GLN A 159 -7.91 -18.68 18.27
N ALA A 160 -8.50 -18.95 17.10
CA ALA A 160 -9.08 -20.25 16.78
C ALA A 160 -8.92 -20.52 15.28
N THR A 161 -8.04 -19.79 14.61
CA THR A 161 -7.78 -19.93 13.20
C THR A 161 -6.95 -21.18 12.90
N LEU A 166 -6.05 -12.65 15.07
CA LEU A 166 -6.91 -11.56 15.50
C LEU A 166 -7.22 -10.61 14.34
N HIS A 167 -6.20 -10.24 13.57
CA HIS A 167 -6.39 -9.26 12.51
C HIS A 167 -7.28 -9.81 11.40
N THR A 168 -6.91 -10.97 10.85
CA THR A 168 -7.72 -11.56 9.78
C THR A 168 -9.09 -11.98 10.29
N CYS A 169 -9.16 -12.43 11.55
CA CYS A 169 -10.46 -12.71 12.17
C CYS A 169 -11.33 -11.45 12.23
N LEU A 170 -10.75 -10.35 12.71
CA LEU A 170 -11.48 -9.08 12.71
C LEU A 170 -11.93 -8.70 11.31
N MET A 171 -11.05 -8.87 10.32
CA MET A 171 -11.38 -8.43 8.97
C MET A 171 -12.49 -9.29 8.37
N MET A 172 -12.45 -10.60 8.60
CA MET A 172 -13.49 -11.48 8.08
C MET A 172 -14.82 -11.21 8.77
N ASP A 173 -14.81 -11.08 10.10
CA ASP A 173 -16.05 -10.83 10.83
C ASP A 173 -16.65 -9.49 10.43
N MET A 174 -15.81 -8.46 10.26
CA MET A 174 -16.33 -7.14 9.88
C MET A 174 -16.81 -7.13 8.44
N LYS A 175 -16.17 -7.89 7.56
CA LYS A 175 -16.66 -8.01 6.19
C LYS A 175 -18.01 -8.71 6.16
N ALA A 176 -18.17 -9.78 6.95
CA ALA A 176 -19.47 -10.44 7.04
C ALA A 176 -20.53 -9.51 7.59
N CYS A 177 -20.19 -8.73 8.62
CA CYS A 177 -21.15 -7.76 9.16
C CYS A 177 -21.52 -6.71 8.12
N GLN A 178 -20.54 -6.21 7.37
CA GLN A 178 -20.83 -5.29 6.27
C GLN A 178 -21.78 -5.93 5.27
N GLU A 179 -21.53 -7.19 4.92
CA GLU A 179 -22.35 -7.87 3.93
C GLU A 179 -23.79 -8.01 4.42
N ASP A 180 -23.98 -8.36 5.70
CA ASP A 180 -25.31 -8.66 6.22
C ASP A 180 -26.06 -7.41 6.66
N ASP A 181 -25.52 -6.67 7.63
CA ASP A 181 -26.21 -5.53 8.21
C ASP A 181 -25.27 -4.32 8.22
N VAL A 182 -25.56 -3.33 7.38
CA VAL A 182 -24.74 -2.13 7.32
C VAL A 182 -24.96 -1.25 8.55
N ARG A 183 -26.21 -1.22 9.05
CA ARG A 183 -26.52 -0.40 10.23
C ARG A 183 -25.72 -0.86 11.44
N LEU A 184 -25.63 -2.17 11.63
CA LEU A 184 -24.82 -2.71 12.72
C LEU A 184 -23.35 -2.38 12.52
N LEU A 185 -22.88 -2.42 11.28
CA LEU A 185 -21.48 -2.08 11.00
C LEU A 185 -21.19 -0.63 11.35
N CYS A 186 -22.08 0.28 10.96
CA CYS A 186 -21.95 1.68 11.35
C CYS A 186 -21.90 1.83 12.87
N HIS A 187 -22.93 1.33 13.55
CA HIS A 187 -22.96 1.51 15.00
C HIS A 187 -21.93 0.66 15.75
N LEU A 188 -21.13 -0.14 15.03
CA LEU A 188 -20.05 -0.91 15.64
C LEU A 188 -18.66 -0.35 15.31
N THR A 189 -18.55 0.46 14.25
CA THR A 189 -17.25 0.95 13.81
C THR A 189 -16.45 1.67 14.89
N PRO A 190 -17.00 2.63 15.65
CA PRO A 190 -16.17 3.32 16.65
C PRO A 190 -15.45 2.39 17.62
N SER A 191 -16.18 1.50 18.30
CA SER A 191 -15.56 0.57 19.25
C SER A 191 -14.55 -0.34 18.55
N ILE A 192 -14.82 -0.73 17.30
CA ILE A 192 -13.88 -1.55 16.56
C ILE A 192 -12.56 -0.81 16.38
N TYR A 193 -12.61 0.44 15.91
CA TYR A 193 -11.39 1.20 15.70
C TYR A 193 -10.70 1.55 17.01
N THR A 194 -11.45 1.63 18.11
CA THR A 194 -10.83 2.04 19.37
C THR A 194 -10.17 0.86 20.08
N GLU A 195 -10.89 -0.25 20.24
CA GLU A 195 -10.33 -1.40 20.95
C GLU A 195 -9.24 -2.10 20.16
N PHE A 196 -9.20 -1.91 18.84
CA PHE A 196 -8.20 -2.54 17.98
C PHE A 196 -7.65 -1.49 17.01
N PRO A 197 -6.84 -0.56 17.51
CA PRO A 197 -6.29 0.46 16.61
C PRO A 197 -5.21 -0.10 15.70
N ASP A 198 -4.31 -0.93 16.24
CA ASP A 198 -3.20 -1.48 15.47
C ASP A 198 -3.62 -2.56 14.51
N GLU A 199 -4.89 -2.95 14.50
CA GLU A 199 -5.41 -3.90 13.53
C GLU A 199 -6.24 -3.24 12.44
N THR A 200 -6.76 -2.03 12.70
CA THR A 200 -7.69 -1.37 11.78
C THR A 200 -7.07 -0.17 11.09
N LEU A 201 -6.02 0.42 11.67
CA LEU A 201 -5.30 1.54 11.09
C LEU A 201 -4.18 1.07 10.17
N ARG A 202 -4.04 -0.25 10.01
CA ARG A 202 -2.89 -0.84 9.34
C ARG A 202 -3.09 -0.87 7.83
N SER A 203 -4.32 -1.06 7.37
CA SER A 203 -4.62 -1.14 5.95
C SER A 203 -6.04 -0.64 5.73
N GLY A 204 -6.27 -0.05 4.55
CA GLY A 204 -7.56 0.51 4.23
C GLY A 204 -8.67 -0.50 4.01
N GLU A 205 -8.41 -1.77 4.36
CA GLU A 205 -9.42 -2.82 4.25
C GLU A 205 -10.72 -2.42 4.95
N LEU A 206 -10.66 -2.08 6.23
CA LEU A 206 -11.86 -1.74 6.98
C LEU A 206 -12.46 -0.42 6.49
N LEU A 207 -11.61 0.55 6.16
CA LEU A 207 -12.11 1.82 5.64
C LEU A 207 -12.85 1.62 4.33
N ASN A 208 -12.27 0.83 3.42
CA ASN A 208 -12.94 0.51 2.17
C ASN A 208 -14.24 -0.23 2.42
N MET A 209 -14.22 -1.18 3.37
CA MET A 209 -15.42 -1.92 3.75
C MET A 209 -16.55 -0.96 4.13
N ILE A 210 -16.22 0.03 4.96
CA ILE A 210 -17.24 0.95 5.46
C ILE A 210 -17.71 1.87 4.33
N VAL A 211 -16.77 2.48 3.62
CA VAL A 211 -17.16 3.48 2.62
C VAL A 211 -17.87 2.87 1.44
N ALA A 212 -17.70 1.57 1.19
CA ALA A 212 -18.34 0.95 0.03
C ALA A 212 -19.85 0.84 0.19
N VAL A 213 -20.35 0.81 1.43
CA VAL A 213 -21.76 0.62 1.70
C VAL A 213 -22.39 1.79 2.45
N ILE A 214 -21.58 2.72 2.95
CA ILE A 214 -22.09 3.75 3.86
C ILE A 214 -23.04 4.70 3.13
N ASP A 215 -23.96 5.28 3.89
CA ASP A 215 -24.90 6.28 3.41
C ASP A 215 -24.40 7.67 3.81
N SER A 216 -25.00 8.70 3.20
CA SER A 216 -24.60 10.07 3.51
C SER A 216 -24.90 10.43 4.97
N ALA A 217 -26.06 10.02 5.48
CA ALA A 217 -26.37 10.28 6.89
C ALA A 217 -25.46 9.48 7.81
N GLN A 218 -25.12 8.25 7.43
CA GLN A 218 -24.19 7.48 8.23
C GLN A 218 -22.78 8.04 8.13
N LEU A 219 -22.42 8.60 6.97
CA LEU A 219 -21.14 9.29 6.86
C LEU A 219 -21.12 10.53 7.74
N GLN A 220 -22.26 11.22 7.88
CA GLN A 220 -22.32 12.36 8.78
C GLN A 220 -22.19 11.92 10.24
N GLU A 221 -22.87 10.85 10.62
CA GLU A 221 -22.73 10.35 11.98
C GLU A 221 -21.30 9.87 12.26
N LEU A 222 -20.61 9.34 11.24
CA LEU A 222 -19.23 8.91 11.41
C LEU A 222 -18.29 10.12 11.54
N VAL A 223 -18.52 11.15 10.72
CA VAL A 223 -17.73 12.38 10.82
C VAL A 223 -17.93 13.00 12.20
N CYS A 224 -19.16 12.96 12.71
CA CYS A 224 -19.44 13.43 14.06
C CYS A 224 -18.67 12.62 15.09
N HIS A 225 -18.76 11.28 15.03
CA HIS A 225 -18.02 10.44 15.95
C HIS A 225 -16.53 10.75 15.93
N VAL A 226 -15.98 11.02 14.74
CA VAL A 226 -14.57 11.42 14.63
C VAL A 226 -14.35 12.74 15.37
N MET A 227 -15.22 13.71 15.15
CA MET A 227 -15.05 15.04 15.72
C MET A 227 -15.42 15.11 17.20
N MET A 228 -15.90 14.00 17.77
CA MET A 228 -16.28 13.95 19.18
C MET A 228 -15.27 13.20 20.04
N GLY A 229 -14.21 12.67 19.44
CA GLY A 229 -13.21 11.93 20.18
C GLY A 229 -13.52 10.47 20.35
N ASN A 230 -14.50 9.96 19.63
CA ASN A 230 -14.95 8.58 19.78
C ASN A 230 -14.47 7.65 18.68
N LEU A 231 -14.00 8.20 17.56
CA LEU A 231 -13.55 7.39 16.43
C LEU A 231 -12.33 8.01 15.79
N VAL A 232 -11.33 7.18 15.51
CA VAL A 232 -10.12 7.60 14.81
C VAL A 232 -9.81 6.54 13.75
N MET A 233 -9.78 6.97 12.48
CA MET A 233 -9.66 6.06 11.35
C MET A 233 -8.36 6.22 10.58
N PHE A 234 -7.62 7.31 10.79
CA PHE A 234 -6.31 7.51 10.20
C PHE A 234 -5.31 7.84 11.31
N ARG A 235 -4.04 7.62 11.00
CA ARG A 235 -2.96 8.03 11.89
C ARG A 235 -1.79 8.51 11.03
N LYS A 236 -1.07 9.52 11.55
CA LYS A 236 0.03 10.13 10.80
C LYS A 236 0.98 9.10 10.17
N ASP A 237 1.10 7.93 10.77
CA ASP A 237 1.87 6.85 10.17
C ASP A 237 1.30 6.44 8.82
N SER A 238 0.16 5.75 8.84
CA SER A 238 -0.34 5.03 7.68
C SER A 238 -1.15 5.91 6.72
N VAL A 239 -1.60 7.08 7.16
CA VAL A 239 -2.64 7.82 6.43
C VAL A 239 -2.25 8.06 4.98
N LEU A 240 -0.97 8.34 4.73
CA LEU A 240 -0.53 8.66 3.37
C LEU A 240 -0.67 7.45 2.45
N ASN A 241 -0.01 6.34 2.81
CA ASN A 241 -0.17 5.08 2.08
C ASN A 241 -1.64 4.70 1.95
N ILE A 242 -2.42 4.88 3.02
CA ILE A 242 -3.82 4.46 2.98
C ILE A 242 -4.59 5.26 1.95
N LEU A 243 -4.31 6.56 1.83
CA LEU A 243 -5.01 7.36 0.82
C LEU A 243 -4.51 7.05 -0.58
N ILE A 244 -3.21 6.80 -0.73
CA ILE A 244 -2.67 6.42 -2.03
C ILE A 244 -3.31 5.11 -2.50
N GLN A 245 -3.59 4.20 -1.57
CA GLN A 245 -4.36 3.01 -1.90
C GLN A 245 -5.80 3.36 -2.26
N SER A 246 -6.43 4.22 -1.44
CA SER A 246 -7.81 4.62 -1.69
C SER A 246 -8.00 5.22 -3.07
N LEU A 247 -6.92 5.70 -3.70
CA LEU A 247 -7.01 6.32 -5.02
C LEU A 247 -7.62 5.42 -6.08
N ASP A 248 -7.85 4.14 -5.78
CA ASP A 248 -8.40 3.20 -6.76
C ASP A 248 -9.87 2.89 -6.55
N TRP A 249 -10.51 3.47 -5.54
CA TRP A 249 -11.89 3.11 -5.22
C TRP A 249 -12.87 3.90 -6.07
N GLU A 250 -14.15 3.56 -5.94
CA GLU A 250 -15.21 4.27 -6.65
C GLU A 250 -15.28 5.73 -6.19
N THR A 251 -16.04 6.52 -6.97
CA THR A 251 -16.23 7.95 -6.70
C THR A 251 -16.66 8.23 -5.26
N PHE A 252 -17.82 7.71 -4.86
CA PHE A 252 -18.38 8.06 -3.56
C PHE A 252 -17.54 7.49 -2.42
N GLU A 253 -16.87 6.35 -2.66
CA GLU A 253 -15.95 5.82 -1.66
C GLU A 253 -14.80 6.79 -1.41
N GLN A 254 -14.26 7.38 -2.48
CA GLN A 254 -13.16 8.32 -2.34
C GLN A 254 -13.63 9.62 -1.69
N TYR A 255 -14.80 10.12 -2.09
CA TYR A 255 -15.37 11.28 -1.41
C TYR A 255 -15.53 11.03 0.08
N CYS A 256 -16.03 9.85 0.46
CA CYS A 256 -16.21 9.53 1.87
C CYS A 256 -14.87 9.46 2.61
N ALA A 257 -13.88 8.82 1.99
CA ALA A 257 -12.55 8.75 2.60
C ALA A 257 -11.99 10.14 2.86
N TRP A 258 -12.12 11.04 1.88
CA TRP A 258 -11.57 12.38 2.06
C TRP A 258 -12.33 13.19 3.09
N GLN A 259 -13.67 13.11 3.09
CA GLN A 259 -14.44 13.79 4.13
C GLN A 259 -14.06 13.29 5.52
N LEU A 260 -13.93 11.97 5.67
CA LEU A 260 -13.56 11.41 6.96
C LEU A 260 -12.15 11.82 7.37
N PHE A 261 -11.24 11.96 6.39
CA PHE A 261 -9.90 12.42 6.72
C PHE A 261 -9.93 13.87 7.19
N LEU A 262 -10.71 14.72 6.52
CA LEU A 262 -10.83 16.10 6.97
C LEU A 262 -11.47 16.18 8.34
N ALA A 263 -12.30 15.19 8.70
CA ALA A 263 -12.91 15.22 10.03
C ALA A 263 -11.89 14.97 11.13
N HIS A 264 -10.74 14.40 10.81
CA HIS A 264 -9.68 14.21 11.78
C HIS A 264 -8.88 15.50 11.93
N ASN A 265 -7.78 15.44 12.68
CA ASN A 265 -6.87 16.57 12.83
C ASN A 265 -5.46 16.18 12.41
N ILE A 266 -5.35 15.66 11.19
CA ILE A 266 -4.06 15.31 10.60
C ILE A 266 -3.70 16.43 9.62
N PRO A 267 -2.59 17.14 9.81
CA PRO A 267 -2.29 18.28 8.95
C PRO A 267 -2.04 17.85 7.52
N LEU A 268 -2.43 18.72 6.59
CA LEU A 268 -2.37 18.40 5.16
C LEU A 268 -0.98 17.97 4.74
N GLU A 269 0.06 18.55 5.34
CA GLU A 269 1.43 18.30 4.90
C GLU A 269 1.78 16.82 4.99
N THR A 270 1.36 16.17 6.08
CA THR A 270 1.61 14.74 6.25
C THR A 270 1.21 13.92 5.03
N ILE A 271 0.20 14.37 4.28
CA ILE A 271 -0.28 13.64 3.11
C ILE A 271 -0.09 14.42 1.83
N ILE A 272 0.59 15.57 1.87
CA ILE A 272 0.75 16.38 0.67
C ILE A 272 1.65 15.68 -0.36
N PRO A 273 2.54 14.74 0.00
CA PRO A 273 3.19 13.94 -1.07
C PRO A 273 2.22 13.23 -2.01
N ILE A 274 0.96 12.99 -1.60
CA ILE A 274 0.02 12.28 -2.46
C ILE A 274 -0.20 13.03 -3.78
N LEU A 275 0.09 14.33 -3.81
CA LEU A 275 -0.03 15.11 -5.05
C LEU A 275 0.82 14.51 -6.16
N GLN A 276 1.93 13.86 -5.81
CA GLN A 276 2.75 13.18 -6.82
C GLN A 276 1.95 12.11 -7.55
N HIS A 277 1.09 11.39 -6.83
CA HIS A 277 0.38 10.25 -7.41
C HIS A 277 -0.92 10.65 -8.10
N LEU A 278 -1.45 11.84 -7.82
CA LEU A 278 -2.73 12.27 -8.37
C LEU A 278 -2.56 12.66 -9.84
N LYS A 279 -3.20 11.90 -10.73
CA LYS A 279 -3.11 12.12 -12.17
C LYS A 279 -4.38 12.82 -12.64
N TYR A 280 -4.21 13.89 -13.41
CA TYR A 280 -5.27 14.78 -13.88
C TYR A 280 -6.61 14.11 -14.19
N LYS A 281 -6.68 13.31 -15.25
CA LYS A 281 -7.98 12.83 -15.72
C LYS A 281 -8.55 11.75 -14.80
N GLU A 282 -7.69 10.99 -14.12
CA GLU A 282 -8.10 9.76 -13.47
C GLU A 282 -8.55 9.97 -12.02
N HIS A 283 -8.16 11.07 -11.39
CA HIS A 283 -8.36 11.27 -9.96
C HIS A 283 -9.02 12.62 -9.69
N PRO A 284 -10.29 12.77 -10.09
CA PRO A 284 -10.96 14.05 -9.86
C PRO A 284 -11.27 14.33 -8.41
N GLU A 285 -11.69 13.32 -7.66
CA GLU A 285 -12.22 13.54 -6.32
C GLU A 285 -11.13 14.00 -5.37
N ALA A 286 -10.01 13.28 -5.37
CA ALA A 286 -8.91 13.64 -4.48
C ALA A 286 -8.32 14.99 -4.87
N LEU A 287 -8.23 15.26 -6.17
CA LEU A 287 -7.73 16.56 -6.62
C LEU A 287 -8.65 17.70 -6.17
N SER A 288 -9.97 17.50 -6.27
CA SER A 288 -10.89 18.56 -5.88
C SER A 288 -10.85 18.81 -4.38
N CYS A 289 -10.87 17.74 -3.58
CA CYS A 289 -10.81 17.91 -2.13
C CYS A 289 -9.48 18.52 -1.70
N LEU A 290 -8.39 18.08 -2.34
CA LEU A 290 -7.08 18.62 -2.00
C LEU A 290 -6.97 20.09 -2.39
N LEU A 291 -7.60 20.48 -3.50
CA LEU A 291 -7.63 21.90 -3.87
C LEU A 291 -8.38 22.72 -2.83
N LEU A 292 -9.61 22.29 -2.51
CA LEU A 292 -10.44 23.06 -1.57
C LEU A 292 -9.85 23.07 -0.17
N GLN A 293 -8.99 22.11 0.17
CA GLN A 293 -8.36 22.13 1.47
C GLN A 293 -7.02 22.88 1.46
N LEU A 294 -6.31 22.84 0.33
CA LEU A 294 -5.10 23.65 0.19
C LEU A 294 -5.45 25.12 0.18
N ARG A 295 -6.69 25.45 -0.23
CA ARG A 295 -7.15 26.83 -0.17
C ARG A 295 -7.00 27.42 1.21
N ARG A 296 -7.15 26.59 2.25
CA ARG A 296 -7.23 27.06 3.62
C ARG A 296 -5.87 27.03 4.32
N GLU A 297 -4.80 26.76 3.58
CA GLU A 297 -3.47 26.61 4.16
C GLU A 297 -2.58 27.78 3.75
N LYS A 298 -1.77 28.23 4.70
CA LYS A 298 -0.69 29.15 4.41
C LYS A 298 0.43 28.34 3.76
N PRO A 299 0.87 28.68 2.55
CA PRO A 299 1.71 27.75 1.77
C PRO A 299 3.06 27.50 2.42
N SER A 300 3.36 26.24 2.69
CA SER A 300 4.69 25.78 3.04
C SER A 300 5.57 25.64 1.79
N GLU A 301 6.86 25.47 2.03
CA GLU A 301 7.77 25.24 0.91
C GLU A 301 7.61 23.85 0.33
N GLU A 302 7.32 22.86 1.16
CA GLU A 302 7.07 21.51 0.64
C GLU A 302 5.75 21.46 -0.12
N MET A 303 4.75 22.22 0.32
CA MET A 303 3.49 22.23 -0.40
C MET A 303 3.64 22.86 -1.79
N VAL A 304 4.43 23.92 -1.90
CA VAL A 304 4.62 24.53 -3.22
C VAL A 304 5.55 23.67 -4.06
N LYS A 305 6.47 22.94 -3.42
CA LYS A 305 7.28 21.97 -4.16
C LYS A 305 6.41 20.86 -4.75
N MET A 306 5.47 20.35 -3.95
CA MET A 306 4.58 19.29 -4.42
C MET A 306 3.61 19.80 -5.49
N VAL A 307 3.17 21.06 -5.37
CA VAL A 307 2.25 21.61 -6.36
C VAL A 307 3.00 21.88 -7.67
N LEU A 308 4.25 22.34 -7.58
CA LEU A 308 5.02 22.61 -8.77
C LEU A 308 5.54 21.34 -9.44
N SER A 309 5.61 20.23 -8.70
CA SER A 309 6.14 18.98 -9.22
C SER A 309 5.12 18.15 -9.98
N ARG A 310 3.96 18.70 -10.30
CA ARG A 310 3.10 17.89 -11.15
C ARG A 310 3.14 18.39 -12.58
N PRO A 311 2.95 17.49 -13.55
CA PRO A 311 3.04 17.89 -14.98
C PRO A 311 2.17 19.07 -15.38
N CYS A 312 2.58 19.76 -16.43
CA CYS A 312 1.81 20.86 -17.02
C CYS A 312 0.99 20.32 -18.19
N HIS A 313 -0.30 20.12 -17.96
CA HIS A 313 -1.24 19.79 -19.01
C HIS A 313 -2.19 20.95 -19.23
N PRO A 314 -2.46 21.32 -20.49
CA PRO A 314 -3.30 22.51 -20.74
C PRO A 314 -4.74 22.36 -20.26
N ASP A 315 -5.16 21.16 -19.86
CA ASP A 315 -6.47 20.96 -19.26
C ASP A 315 -6.39 20.79 -17.76
N ASP A 316 -5.21 20.83 -17.18
CA ASP A 316 -5.00 20.69 -15.74
C ASP A 316 -4.80 22.09 -15.15
N GLN A 317 -5.74 22.53 -14.32
CA GLN A 317 -5.74 23.86 -13.75
C GLN A 317 -5.48 23.86 -12.25
N PHE A 318 -5.01 22.74 -11.70
CA PHE A 318 -4.84 22.61 -10.26
C PHE A 318 -3.78 23.59 -9.75
N THR A 319 -2.58 23.53 -10.34
CA THR A 319 -1.45 24.30 -9.82
C THR A 319 -1.71 25.79 -9.94
N THR A 320 -2.15 26.23 -11.12
CA THR A 320 -2.36 27.65 -11.32
C THR A 320 -3.49 28.17 -10.44
N SER A 321 -4.52 27.34 -10.20
CA SER A 321 -5.58 27.74 -9.29
C SER A 321 -5.05 27.96 -7.87
N ILE A 322 -4.36 26.96 -7.32
CA ILE A 322 -3.88 27.09 -5.95
C ILE A 322 -2.82 28.18 -5.84
N LEU A 323 -1.99 28.34 -6.87
CA LEU A 323 -0.98 29.39 -6.86
C LEU A 323 -1.63 30.77 -6.93
N ARG A 324 -2.67 30.92 -7.74
CA ARG A 324 -3.41 32.17 -7.79
C ARG A 324 -3.98 32.51 -6.42
N HIS A 325 -4.60 31.51 -5.77
CA HIS A 325 -5.13 31.72 -4.43
C HIS A 325 -4.04 32.19 -3.47
N TRP A 326 -2.93 31.45 -3.42
CA TRP A 326 -1.85 31.79 -2.49
C TRP A 326 -1.28 33.17 -2.79
N CYS A 327 -0.99 33.45 -4.06
CA CYS A 327 -0.39 34.73 -4.45
C CYS A 327 -1.37 35.89 -4.33
N MET A 328 -2.66 35.60 -4.16
CA MET A 328 -3.61 36.67 -3.89
C MET A 328 -3.79 36.92 -2.41
N LYS A 329 -3.59 35.92 -1.56
CA LYS A 329 -3.67 36.20 -0.13
C LYS A 329 -2.31 36.30 0.56
N HIS A 330 -1.38 35.39 0.30
CA HIS A 330 -0.03 35.45 0.83
C HIS A 330 0.98 35.51 -0.31
N ASP A 331 0.99 36.64 -1.01
CA ASP A 331 1.79 36.76 -2.24
C ASP A 331 3.28 36.66 -1.93
N GLU A 332 3.77 37.44 -0.97
CA GLU A 332 5.20 37.51 -0.70
C GLU A 332 5.73 36.25 -0.02
N LEU A 333 4.90 35.57 0.78
CA LEU A 333 5.33 34.28 1.34
C LEU A 333 5.50 33.24 0.23
N LEU A 334 4.51 33.16 -0.67
CA LEU A 334 4.62 32.27 -1.83
C LEU A 334 5.85 32.64 -2.67
N ALA A 335 6.10 33.93 -2.85
CA ALA A 335 7.27 34.39 -3.60
C ALA A 335 8.55 33.93 -2.91
N GLU A 336 8.61 34.02 -1.58
CA GLU A 336 9.77 33.55 -0.85
C GLU A 336 10.01 32.06 -1.07
N HIS A 337 8.93 31.27 -1.03
CA HIS A 337 9.09 29.83 -1.22
C HIS A 337 9.51 29.50 -2.64
N ILE A 338 8.95 30.20 -3.63
CA ILE A 338 9.35 29.93 -5.02
C ILE A 338 10.77 30.41 -5.28
N LYS A 339 11.21 31.46 -4.58
CA LYS A 339 12.60 31.88 -4.70
C LYS A 339 13.53 30.83 -4.11
N SER A 340 13.21 30.33 -2.92
CA SER A 340 14.05 29.31 -2.31
C SER A 340 14.06 28.03 -3.14
N LEU A 341 12.97 27.74 -3.85
CA LEU A 341 12.96 26.56 -4.71
C LEU A 341 13.73 26.79 -6.01
N LEU A 342 13.67 28.01 -6.55
CA LEU A 342 14.32 28.29 -7.83
C LEU A 342 15.84 28.29 -7.69
N ILE A 343 16.36 28.75 -6.55
CA ILE A 343 17.80 28.71 -6.32
C ILE A 343 18.13 27.34 -5.73
N LYS A 344 17.24 26.38 -5.96
CA LYS A 344 17.53 24.95 -5.86
C LYS A 344 17.79 24.53 -4.41
N ASN A 345 17.00 25.07 -3.48
CA ASN A 345 17.10 24.68 -2.08
C ASN A 345 16.00 23.69 -1.72
N GLN A 364 10.50 14.55 -10.65
CA GLN A 364 11.34 15.59 -10.06
C GLN A 364 10.99 16.98 -10.56
N LEU A 365 11.47 17.99 -9.83
CA LEU A 365 11.32 19.40 -10.20
C LEU A 365 12.48 19.86 -11.06
N THR A 366 12.33 19.71 -12.38
CA THR A 366 13.27 20.37 -13.27
C THR A 366 12.97 21.86 -13.32
N LEU A 367 13.97 22.64 -13.75
CA LEU A 367 13.83 24.09 -13.73
C LEU A 367 12.76 24.57 -14.72
N GLU A 368 12.64 23.91 -15.87
CA GLU A 368 11.65 24.32 -16.86
C GLU A 368 10.24 24.05 -16.38
N GLN A 369 10.05 23.07 -15.51
CA GLN A 369 8.72 22.82 -14.95
C GLN A 369 8.25 23.98 -14.09
N ILE A 370 9.10 24.43 -13.17
CA ILE A 370 8.80 25.62 -12.38
C ILE A 370 8.57 26.82 -13.28
N LEU A 371 9.42 26.98 -14.31
CA LEU A 371 9.29 28.14 -15.18
C LEU A 371 7.97 28.11 -15.95
N GLU A 372 7.54 26.94 -16.40
CA GLU A 372 6.28 26.85 -17.14
C GLU A 372 5.09 27.10 -16.23
N HIS A 373 5.12 26.54 -15.01
CA HIS A 373 4.06 26.82 -14.06
C HIS A 373 3.96 28.31 -13.76
N LEU A 374 5.13 28.97 -13.61
CA LEU A 374 5.14 30.40 -13.35
C LEU A 374 4.65 31.20 -14.55
N ASP A 375 4.95 30.73 -15.76
CA ASP A 375 4.47 31.44 -16.95
C ASP A 375 2.97 31.29 -17.11
N ASN A 376 2.43 30.12 -16.79
CA ASN A 376 0.98 29.95 -16.75
C ASN A 376 0.35 30.89 -15.72
N LEU A 377 0.94 30.95 -14.53
CA LEU A 377 0.45 31.88 -13.51
C LEU A 377 0.50 33.33 -14.01
N ARG A 378 1.58 33.69 -14.70
CA ARG A 378 1.70 35.04 -15.23
C ARG A 378 0.61 35.32 -16.25
N LEU A 379 0.41 34.40 -17.20
CA LEU A 379 -0.62 34.60 -18.22
C LEU A 379 -2.01 34.64 -17.62
N ASN A 380 -2.20 34.00 -16.47
CA ASN A 380 -3.49 34.03 -15.81
C ASN A 380 -3.69 35.31 -14.99
N LEU A 381 -2.62 35.82 -14.38
CA LEU A 381 -2.74 36.94 -13.46
C LEU A 381 -3.09 38.25 -14.17
N THR A 382 -3.02 38.31 -15.50
CA THR A 382 -3.53 39.47 -16.20
C THR A 382 -5.05 39.60 -16.03
N ASN A 383 -5.71 38.51 -15.66
CA ASN A 383 -7.14 38.55 -15.33
C ASN A 383 -7.42 39.53 -14.20
N THR A 384 -6.50 39.68 -13.26
CA THR A 384 -6.77 40.39 -12.02
C THR A 384 -5.65 41.37 -11.70
N LYS A 385 -5.83 42.08 -10.59
CA LYS A 385 -4.86 43.04 -10.05
C LYS A 385 -3.96 42.30 -9.07
N GLN A 386 -2.84 41.77 -9.56
CA GLN A 386 -1.97 40.96 -8.71
C GLN A 386 -0.52 41.33 -8.96
N ASN A 387 0.09 41.97 -7.97
CA ASN A 387 1.50 42.36 -8.02
C ASN A 387 2.44 41.22 -7.62
N PHE A 388 2.03 39.97 -7.83
CA PHE A 388 2.87 38.85 -7.39
C PHE A 388 4.21 38.83 -8.11
N PHE A 389 4.25 39.24 -9.37
CA PHE A 389 5.50 39.28 -10.11
C PHE A 389 6.23 40.60 -9.92
N SER A 390 5.82 41.38 -8.94
CA SER A 390 6.58 42.54 -8.46
C SER A 390 7.30 42.24 -7.15
N GLN A 391 6.94 41.15 -6.48
CA GLN A 391 7.64 40.72 -5.27
C GLN A 391 9.14 40.59 -5.56
N THR A 392 9.94 41.06 -4.63
CA THR A 392 11.38 41.07 -4.80
C THR A 392 11.99 39.66 -4.76
N PRO A 393 11.56 38.77 -3.86
CA PRO A 393 12.08 37.38 -3.94
C PRO A 393 11.91 36.77 -5.33
N ILE A 394 10.77 36.96 -5.97
CA ILE A 394 10.53 36.30 -7.26
C ILE A 394 11.38 36.92 -8.35
N LEU A 395 11.59 38.24 -8.31
CA LEU A 395 12.42 38.86 -9.34
C LEU A 395 13.88 38.49 -9.16
N GLN A 396 14.33 38.50 -7.90
CA GLN A 396 15.69 38.07 -7.57
C GLN A 396 15.93 36.64 -8.03
N ALA A 397 14.98 35.73 -7.74
CA ALA A 397 15.09 34.35 -8.19
C ALA A 397 15.10 34.25 -9.71
N LEU A 398 14.22 35.01 -10.37
CA LEU A 398 14.19 35.00 -11.83
C LEU A 398 15.54 35.41 -12.40
N GLN A 399 16.15 36.46 -11.85
CA GLN A 399 17.45 36.91 -12.34
C GLN A 399 18.52 35.84 -12.11
N HIS A 400 18.50 35.23 -10.92
CA HIS A 400 19.46 34.17 -10.61
C HIS A 400 19.32 33.01 -11.58
N VAL A 401 18.09 32.61 -11.86
CA VAL A 401 17.86 31.50 -12.78
C VAL A 401 18.30 31.87 -14.18
N GLN A 402 17.89 33.05 -14.65
CA GLN A 402 18.21 33.47 -16.01
C GLN A 402 19.71 33.49 -16.25
N ALA A 403 20.47 33.90 -15.23
CA ALA A 403 21.93 33.96 -15.37
C ALA A 403 22.48 32.58 -15.77
N SER A 404 22.06 31.54 -15.06
CA SER A 404 22.49 30.17 -15.35
C SER A 404 21.30 29.38 -15.92
N CYS A 405 20.89 29.75 -17.12
CA CYS A 405 19.75 29.15 -17.79
C CYS A 405 20.12 28.79 -19.22
N ASP A 406 19.72 27.60 -19.65
CA ASP A 406 19.92 27.19 -21.04
C ASP A 406 19.36 28.26 -21.97
N GLU A 407 20.16 28.64 -22.96
CA GLU A 407 19.76 29.69 -23.89
C GLU A 407 18.41 29.41 -24.52
N ALA A 408 18.08 28.12 -24.71
CA ALA A 408 16.76 27.73 -25.18
C ALA A 408 15.67 28.31 -24.30
N HIS A 409 15.71 28.02 -22.99
CA HIS A 409 14.66 28.53 -22.14
C HIS A 409 14.68 30.04 -22.00
N LYS A 410 15.74 30.73 -22.47
CA LYS A 410 15.70 32.19 -22.39
C LYS A 410 14.62 32.74 -23.31
N MET A 411 14.66 32.39 -24.59
CA MET A 411 13.60 32.79 -25.51
C MET A 411 12.32 32.00 -25.27
N LYS A 412 12.41 30.82 -24.66
CA LYS A 412 11.21 30.05 -24.33
C LYS A 412 10.34 30.81 -23.33
N PHE A 413 10.97 31.52 -22.39
CA PHE A 413 10.29 32.26 -21.34
C PHE A 413 10.73 33.71 -21.32
N SER A 414 10.96 34.29 -22.50
CA SER A 414 11.39 35.68 -22.59
C SER A 414 10.38 36.59 -21.88
N ASP A 415 9.10 36.43 -22.21
CA ASP A 415 8.03 37.15 -21.51
C ASP A 415 8.23 37.08 -19.99
N LEU A 416 8.43 35.87 -19.47
CA LEU A 416 8.54 35.67 -18.03
C LEU A 416 9.76 36.39 -17.45
N PHE A 417 10.93 36.13 -18.02
CA PHE A 417 12.17 36.74 -17.52
C PHE A 417 12.15 38.26 -17.63
N SER A 418 11.41 38.81 -18.59
CA SER A 418 11.38 40.25 -18.78
C SER A 418 10.77 40.97 -17.58
N LEU A 419 9.98 40.27 -16.77
CA LEU A 419 9.39 40.89 -15.59
C LEU A 419 10.45 41.27 -14.55
N ALA A 420 11.56 40.55 -14.53
CA ALA A 420 12.66 40.83 -13.61
C ALA A 420 13.79 41.59 -14.28
N GLU A 421 13.63 41.99 -15.53
CA GLU A 421 14.66 42.64 -16.32
C GLU A 421 14.30 44.08 -16.67
N GLU A 422 13.15 44.29 -17.29
CA GLU A 422 12.81 45.57 -17.87
C GLU A 422 12.08 46.47 -16.89
N TYR A 423 12.42 47.76 -16.93
CA TYR A 423 11.50 48.81 -16.53
C TYR A 423 11.89 50.08 -17.27
N GLU B 23 -3.87 -3.17 -54.84
CA GLU B 23 -2.73 -2.52 -55.49
C GLU B 23 -1.60 -3.55 -55.68
N SER B 24 -0.89 -3.42 -56.80
CA SER B 24 -0.04 -4.51 -57.29
C SER B 24 1.32 -4.58 -56.59
N LEU B 25 1.84 -3.47 -56.08
CA LEU B 25 3.09 -3.52 -55.32
C LEU B 25 2.93 -4.33 -54.02
N ARG B 26 1.85 -4.06 -53.28
CA ARG B 26 1.57 -4.86 -52.10
C ARG B 26 1.38 -6.33 -52.47
N ASP B 27 0.81 -6.59 -53.64
CA ASP B 27 0.72 -7.96 -54.13
C ASP B 27 2.08 -8.51 -54.50
N LYS B 28 3.03 -7.66 -54.89
CA LYS B 28 4.39 -8.14 -55.12
C LYS B 28 5.06 -8.53 -53.81
N VAL B 29 4.77 -7.78 -52.75
CA VAL B 29 5.26 -8.16 -51.42
C VAL B 29 4.65 -9.50 -51.01
N LEU B 30 3.37 -9.68 -51.31
CA LEU B 30 2.74 -10.98 -51.11
C LEU B 30 3.40 -12.05 -51.97
N GLN B 31 3.84 -11.66 -53.17
CA GLN B 31 4.40 -12.58 -54.15
C GLN B 31 5.75 -13.13 -53.71
N LEU B 32 6.63 -12.26 -53.19
CA LEU B 32 7.95 -12.73 -52.80
C LEU B 32 7.87 -13.76 -51.68
N GLN B 33 6.82 -13.70 -50.85
CA GLN B 33 6.71 -14.59 -49.70
C GLN B 33 5.55 -15.56 -49.88
N ALA B 40 15.65 -10.96 -48.82
CA ALA B 40 15.77 -9.58 -49.29
C ALA B 40 14.39 -8.98 -49.58
N GLN B 41 13.58 -8.86 -48.52
CA GLN B 41 12.22 -8.34 -48.62
C GLN B 41 12.10 -6.89 -48.16
N CYS B 42 13.23 -6.20 -47.95
CA CYS B 42 13.18 -4.89 -47.30
C CYS B 42 12.63 -3.83 -48.25
N GLU B 43 13.22 -3.69 -49.45
CA GLU B 43 12.71 -2.72 -50.41
C GLU B 43 11.30 -3.07 -50.86
N VAL B 44 10.96 -4.37 -50.87
CA VAL B 44 9.63 -4.78 -51.29
C VAL B 44 8.57 -4.21 -50.34
N MET B 45 8.88 -4.14 -49.05
CA MET B 45 7.95 -3.54 -48.09
C MET B 45 8.10 -2.02 -48.05
N GLN B 46 9.30 -1.52 -48.36
CA GLN B 46 9.46 -0.09 -48.53
C GLN B 46 8.57 0.43 -49.66
N GLU B 47 8.19 -0.43 -50.60
CA GLU B 47 7.17 -0.04 -51.58
C GLU B 47 5.90 0.45 -50.89
N ILE B 48 5.32 -0.40 -50.03
CA ILE B 48 4.13 0.01 -49.28
C ILE B 48 4.44 1.23 -48.43
N VAL B 49 5.59 1.21 -47.75
CA VAL B 49 5.97 2.33 -46.89
C VAL B 49 5.85 3.64 -47.65
N ASP B 50 6.48 3.71 -48.83
CA ASP B 50 6.37 4.91 -49.66
C ASP B 50 4.92 5.18 -50.06
N GLN B 51 4.12 4.13 -50.23
CA GLN B 51 2.74 4.32 -50.66
C GLN B 51 1.78 4.75 -49.55
N VAL B 52 2.09 4.47 -48.28
CA VAL B 52 1.15 4.80 -47.21
C VAL B 52 1.34 6.28 -46.83
N LEU B 53 1.34 7.16 -47.81
CA LEU B 53 1.30 8.61 -47.62
C LEU B 53 0.05 9.21 -48.24
N GLU B 54 -1.06 8.45 -48.19
CA GLU B 54 -2.42 8.76 -48.65
C GLU B 54 -3.09 7.48 -49.17
N SER B 59 -9.12 1.97 -44.62
CA SER B 59 -9.05 0.84 -45.54
C SER B 59 -7.68 0.16 -45.46
N GLU B 60 -7.07 0.23 -44.27
CA GLU B 60 -5.77 -0.38 -44.01
C GLU B 60 -5.89 -1.76 -43.38
N GLN B 61 -7.08 -2.15 -42.93
CA GLN B 61 -7.24 -3.45 -42.27
C GLN B 61 -6.89 -4.61 -43.17
N LEU B 62 -7.06 -4.47 -44.50
CA LEU B 62 -6.67 -5.56 -45.37
C LEU B 62 -5.16 -5.63 -45.56
N SER B 63 -4.49 -4.47 -45.61
CA SER B 63 -3.04 -4.46 -45.63
C SER B 63 -2.47 -5.11 -44.37
N VAL B 64 -3.03 -4.77 -43.21
CA VAL B 64 -2.51 -5.33 -41.97
C VAL B 64 -2.90 -6.80 -41.84
N LEU B 65 -4.01 -7.21 -42.44
CA LEU B 65 -4.37 -8.63 -42.43
C LEU B 65 -3.40 -9.44 -43.30
N ALA B 66 -3.05 -8.91 -44.47
CA ALA B 66 -2.01 -9.52 -45.28
C ALA B 66 -0.70 -9.61 -44.52
N SER B 67 -0.28 -8.51 -43.90
CA SER B 67 0.98 -8.49 -43.16
C SER B 67 0.97 -9.46 -41.98
N CYS B 68 -0.19 -9.64 -41.34
CA CYS B 68 -0.31 -10.52 -40.19
C CYS B 68 -0.29 -11.99 -40.60
N LEU B 69 -1.03 -12.34 -41.65
CA LEU B 69 -1.00 -13.71 -42.14
C LEU B 69 0.32 -14.03 -42.83
N GLN B 70 1.09 -13.01 -43.21
CA GLN B 70 2.43 -13.24 -43.74
C GLN B 70 3.37 -13.74 -42.65
N GLU B 71 3.32 -13.12 -41.47
CA GLU B 71 4.38 -13.25 -40.48
C GLU B 71 3.99 -14.24 -39.39
N VAL B 81 13.41 -15.03 -30.98
CA VAL B 81 13.56 -13.58 -30.98
C VAL B 81 14.98 -13.20 -30.57
N LEU B 82 15.42 -13.73 -29.43
CA LEU B 82 16.78 -13.45 -28.96
C LEU B 82 17.77 -14.40 -29.62
N PRO B 83 18.88 -13.90 -30.15
CA PRO B 83 19.96 -14.79 -30.59
C PRO B 83 20.48 -15.64 -29.45
N GLU B 84 20.87 -16.86 -29.78
CA GLU B 84 21.36 -17.78 -28.76
C GLU B 84 22.63 -17.25 -28.10
N GLU B 85 23.53 -16.67 -28.90
CA GLU B 85 24.68 -15.94 -28.38
C GLU B 85 24.40 -14.45 -28.50
N ILE B 86 24.05 -13.82 -27.39
CA ILE B 86 23.75 -12.39 -27.36
C ILE B 86 25.05 -11.61 -27.50
N THR B 87 25.50 -11.44 -28.74
CA THR B 87 26.69 -10.66 -29.04
C THR B 87 26.27 -9.32 -29.62
N GLU B 88 26.82 -8.24 -29.04
CA GLU B 88 26.47 -6.89 -29.45
C GLU B 88 26.73 -6.65 -30.93
N GLU B 89 25.74 -6.07 -31.61
CA GLU B 89 25.73 -5.65 -33.01
C GLU B 89 25.58 -6.84 -33.94
N SER B 90 25.52 -8.05 -33.39
CA SER B 90 25.08 -9.23 -34.12
C SER B 90 23.80 -9.79 -33.55
N LEU B 91 23.33 -9.24 -32.42
CA LEU B 91 21.94 -9.42 -32.03
C LEU B 91 21.04 -8.62 -32.96
N GLU B 92 21.53 -7.47 -33.44
CA GLU B 92 20.90 -6.70 -34.50
C GLU B 92 21.01 -7.36 -35.86
N GLU B 93 21.66 -8.52 -35.95
CA GLU B 93 21.62 -9.29 -37.19
C GLU B 93 20.20 -9.78 -37.48
N SER B 94 19.48 -10.19 -36.44
CA SER B 94 18.08 -10.58 -36.56
C SER B 94 17.11 -9.40 -36.50
N VAL B 95 17.56 -8.24 -35.98
CA VAL B 95 16.65 -7.11 -35.83
C VAL B 95 16.22 -6.55 -37.18
N GLY B 96 16.97 -6.81 -38.25
CA GLY B 96 16.58 -6.38 -39.58
C GLY B 96 15.33 -7.10 -40.04
N LYS B 97 15.45 -7.99 -41.02
CA LYS B 97 14.39 -8.93 -41.39
C LYS B 97 13.16 -8.14 -41.87
N PRO B 98 11.94 -8.76 -42.07
CA PRO B 98 10.90 -8.01 -42.79
C PRO B 98 10.08 -7.04 -41.94
N LEU B 99 9.38 -7.53 -40.90
CA LEU B 99 8.42 -6.69 -40.19
C LEU B 99 9.09 -5.54 -39.46
N TYR B 100 10.25 -5.78 -38.84
CA TYR B 100 10.91 -4.74 -38.06
C TYR B 100 11.22 -3.50 -38.88
N LEU B 101 11.29 -3.65 -40.21
CA LEU B 101 11.56 -2.52 -41.09
C LEU B 101 10.52 -1.43 -40.90
N ILE B 102 9.25 -1.80 -40.66
CA ILE B 102 8.23 -0.81 -40.32
C ILE B 102 8.73 0.09 -39.20
N PHE B 103 9.16 -0.52 -38.08
CA PHE B 103 9.73 0.25 -36.97
C PHE B 103 10.76 1.25 -37.48
N ARG B 104 11.69 0.77 -38.32
CA ARG B 104 12.74 1.64 -38.86
C ARG B 104 12.14 2.88 -39.52
N ASN B 105 11.15 2.69 -40.39
CA ASN B 105 10.59 3.83 -41.12
C ASN B 105 9.84 4.79 -40.20
N LEU B 106 9.51 4.37 -38.97
CA LEU B 106 8.87 5.27 -38.03
C LEU B 106 9.87 5.94 -37.11
N CYS B 107 11.13 5.48 -37.13
CA CYS B 107 12.20 6.14 -36.39
C CYS B 107 12.81 7.32 -37.14
N GLN B 108 12.29 7.65 -38.32
CA GLN B 108 12.68 8.88 -38.99
C GLN B 108 11.56 9.91 -38.91
N SER B 114 6.95 16.89 -37.12
CA SER B 114 7.12 16.97 -38.57
C SER B 114 6.04 16.17 -39.28
N SER B 115 6.46 15.27 -40.15
CA SER B 115 5.60 14.25 -40.72
C SER B 115 5.84 12.89 -40.08
N PHE B 116 6.32 12.88 -38.83
CA PHE B 116 6.65 11.69 -38.08
C PHE B 116 5.43 11.04 -37.45
N SER B 117 4.23 11.42 -37.92
CA SER B 117 2.97 11.05 -37.30
C SER B 117 2.00 10.38 -38.26
N LEU B 118 2.12 10.63 -39.56
CA LEU B 118 1.16 10.11 -40.53
C LEU B 118 1.56 8.73 -41.05
N LEU B 119 2.04 7.84 -40.18
CA LEU B 119 2.35 6.48 -40.63
C LEU B 119 2.39 5.47 -39.48
N LEU B 120 2.11 5.91 -38.24
CA LEU B 120 2.03 4.95 -37.16
C LEU B 120 0.66 4.31 -37.06
N ASP B 121 -0.30 4.77 -37.85
CA ASP B 121 -1.62 4.14 -37.87
C ASP B 121 -1.55 2.70 -38.36
N LEU B 122 -0.65 2.43 -39.31
CA LEU B 122 -0.47 1.07 -39.81
C LEU B 122 -0.04 0.13 -38.70
N LEU B 123 0.98 0.52 -37.92
CA LEU B 123 1.43 -0.33 -36.83
C LEU B 123 0.44 -0.32 -35.67
N SER B 124 -0.37 0.73 -35.54
CA SER B 124 -1.47 0.69 -34.59
C SER B 124 -2.47 -0.39 -34.95
N GLU B 125 -2.80 -0.51 -36.24
CA GLU B 125 -3.69 -1.57 -36.68
C GLU B 125 -3.04 -2.94 -36.56
N LEU B 126 -1.72 -3.02 -36.77
CA LEU B 126 -1.00 -4.26 -36.53
C LEU B 126 -1.12 -4.68 -35.06
N TYR B 127 -0.95 -3.72 -34.14
CA TYR B 127 -1.03 -4.04 -32.72
C TYR B 127 -2.46 -4.41 -32.32
N GLN B 128 -3.45 -3.75 -32.93
CA GLN B 128 -4.84 -4.10 -32.67
C GLN B 128 -5.16 -5.49 -33.23
N LYS B 129 -4.47 -5.89 -34.28
CA LYS B 129 -4.59 -7.25 -34.82
C LYS B 129 -3.70 -8.22 -34.04
N GLN B 130 -2.38 -8.05 -34.15
CA GLN B 130 -1.41 -8.90 -33.48
C GLN B 130 -0.83 -8.18 -32.29
N PRO B 131 -1.18 -8.55 -31.06
CA PRO B 131 -0.62 -7.85 -29.89
C PRO B 131 0.88 -8.03 -29.71
N LYS B 132 1.44 -9.17 -30.11
CA LYS B 132 2.83 -9.48 -29.78
C LYS B 132 3.79 -8.41 -30.28
N ILE B 133 3.53 -7.85 -31.46
CA ILE B 133 4.42 -6.83 -32.02
C ILE B 133 4.67 -5.71 -31.02
N GLY B 134 3.70 -5.45 -30.14
CA GLY B 134 3.86 -4.42 -29.12
C GLY B 134 5.15 -4.53 -28.35
N TYR B 135 5.57 -5.76 -28.01
CA TYR B 135 6.85 -5.90 -27.34
C TYR B 135 8.00 -6.08 -28.32
N HIS B 136 7.73 -6.62 -29.52
CA HIS B 136 8.75 -6.66 -30.56
C HIS B 136 9.32 -5.28 -30.81
N LEU B 137 8.44 -4.27 -30.91
CA LEU B 137 8.89 -2.89 -30.98
C LEU B 137 9.89 -2.58 -29.86
N LEU B 138 9.50 -2.89 -28.61
CA LEU B 138 10.42 -2.72 -27.50
C LEU B 138 11.74 -3.42 -27.76
N TYR B 139 11.68 -4.66 -28.25
CA TYR B 139 12.89 -5.37 -28.63
C TYR B 139 13.68 -4.59 -29.67
N TYR B 140 13.01 -4.12 -30.73
CA TYR B 140 13.70 -3.34 -31.75
C TYR B 140 14.32 -2.09 -31.16
N LEU B 141 13.60 -1.41 -30.26
CA LEU B 141 14.05 -0.17 -29.67
C LEU B 141 15.24 -0.35 -28.73
N ARG B 142 15.62 -1.60 -28.42
CA ARG B 142 16.68 -1.84 -27.46
C ARG B 142 17.77 -2.72 -28.09
N ALA B 147 20.18 0.09 -34.23
CA ALA B 147 20.45 1.43 -34.73
C ALA B 147 19.25 2.35 -34.52
N ALA B 148 18.44 2.04 -33.51
CA ALA B 148 17.35 2.92 -33.16
C ALA B 148 17.85 4.09 -32.32
N GLY B 149 17.01 5.09 -32.16
CA GLY B 149 17.43 6.30 -31.47
C GLY B 149 17.27 6.15 -29.98
N LYS B 150 16.10 6.51 -29.48
CA LYS B 150 15.67 6.19 -28.13
C LYS B 150 14.23 5.70 -28.14
N MET B 151 13.86 4.98 -27.09
CA MET B 151 12.55 4.33 -27.02
C MET B 151 11.39 5.30 -26.90
N ASN B 152 11.64 6.61 -27.06
CA ASN B 152 10.57 7.60 -27.04
C ASN B 152 9.57 7.38 -28.17
N LEU B 153 9.85 6.44 -29.08
CA LEU B 153 8.87 6.06 -30.10
C LEU B 153 7.74 5.24 -29.48
N TYR B 154 8.07 4.36 -28.54
CA TYR B 154 7.08 3.41 -28.03
C TYR B 154 5.92 4.14 -27.38
N GLU B 155 6.19 5.22 -26.65
CA GLU B 155 5.13 6.05 -26.10
C GLU B 155 4.15 6.45 -27.20
N SER B 156 4.67 7.02 -28.29
CA SER B 156 3.82 7.41 -29.41
C SER B 156 3.08 6.21 -29.99
N PHE B 157 3.69 5.02 -29.94
CA PHE B 157 2.99 3.83 -30.41
C PHE B 157 1.90 3.41 -29.43
N ALA B 158 2.16 3.57 -28.13
CA ALA B 158 1.19 3.17 -27.13
C ALA B 158 -0.09 4.00 -27.24
N GLN B 159 0.04 5.28 -27.57
CA GLN B 159 -1.11 6.17 -27.66
C GLN B 159 -1.94 5.88 -28.91
N ALA B 160 -2.43 4.65 -29.04
CA ALA B 160 -3.35 4.31 -30.11
C ALA B 160 -4.15 3.07 -29.72
N THR B 161 -4.04 2.66 -28.47
CA THR B 161 -4.77 1.49 -27.98
C THR B 161 -6.22 1.82 -27.65
N LEU B 166 -0.16 4.13 -22.07
CA LEU B 166 1.23 3.68 -22.03
C LEU B 166 1.43 2.60 -20.98
N HIS B 167 0.87 2.81 -19.79
CA HIS B 167 1.08 1.86 -18.69
C HIS B 167 0.44 0.52 -19.00
N THR B 168 -0.85 0.52 -19.35
CA THR B 168 -1.53 -0.74 -19.63
C THR B 168 -0.98 -1.41 -20.89
N CYS B 169 -0.58 -0.62 -21.88
CA CYS B 169 0.09 -1.15 -23.06
C CYS B 169 1.40 -1.84 -22.68
N LEU B 170 2.24 -1.14 -21.90
CA LEU B 170 3.47 -1.74 -21.42
C LEU B 170 3.21 -3.01 -20.64
N MET B 171 2.17 -3.01 -19.80
CA MET B 171 1.91 -4.17 -18.95
C MET B 171 1.46 -5.36 -19.77
N MET B 172 0.59 -5.13 -20.77
CA MET B 172 0.14 -6.22 -21.62
C MET B 172 1.27 -6.76 -22.49
N ASP B 173 2.07 -5.86 -23.08
CA ASP B 173 3.19 -6.31 -23.91
C ASP B 173 4.20 -7.09 -23.07
N MET B 174 4.46 -6.63 -21.84
CA MET B 174 5.41 -7.31 -20.99
C MET B 174 4.87 -8.65 -20.51
N LYS B 175 3.56 -8.74 -20.27
CA LYS B 175 2.97 -10.02 -19.90
C LYS B 175 3.05 -11.01 -21.06
N ALA B 176 2.76 -10.54 -22.28
CA ALA B 176 2.91 -11.41 -23.44
C ALA B 176 4.35 -11.89 -23.60
N CYS B 177 5.31 -10.97 -23.44
CA CYS B 177 6.71 -11.36 -23.54
C CYS B 177 7.08 -12.37 -22.47
N GLN B 178 6.63 -12.14 -21.23
CA GLN B 178 6.87 -13.10 -20.14
C GLN B 178 6.33 -14.48 -20.48
N GLU B 179 5.08 -14.54 -20.97
CA GLU B 179 4.49 -15.83 -21.30
C GLU B 179 5.22 -16.51 -22.43
N ASP B 180 5.62 -15.76 -23.47
CA ASP B 180 6.21 -16.38 -24.65
C ASP B 180 7.71 -16.62 -24.48
N ASP B 181 8.48 -15.58 -24.21
CA ASP B 181 9.94 -15.68 -24.14
C ASP B 181 10.42 -15.06 -22.83
N VAL B 182 10.88 -15.89 -21.90
CA VAL B 182 11.36 -15.39 -20.62
C VAL B 182 12.72 -14.71 -20.77
N ARG B 183 13.58 -15.25 -21.64
CA ARG B 183 14.91 -14.70 -21.84
C ARG B 183 14.82 -13.27 -22.38
N LEU B 184 13.88 -13.01 -23.30
CA LEU B 184 13.68 -11.66 -23.81
C LEU B 184 13.20 -10.72 -22.72
N LEU B 185 12.33 -11.21 -21.83
CA LEU B 185 11.86 -10.38 -20.72
C LEU B 185 13.01 -10.00 -19.81
N CYS B 186 13.88 -10.97 -19.50
CA CYS B 186 15.07 -10.70 -18.71
C CYS B 186 15.92 -9.61 -19.37
N HIS B 187 16.31 -9.86 -20.63
CA HIS B 187 17.20 -8.93 -21.32
C HIS B 187 16.51 -7.63 -21.72
N LEU B 188 15.22 -7.48 -21.44
CA LEU B 188 14.51 -6.23 -21.70
C LEU B 188 14.16 -5.45 -20.44
N THR B 189 14.16 -6.11 -19.27
CA THR B 189 13.73 -5.45 -18.04
C THR B 189 14.48 -4.16 -17.71
N PRO B 190 15.84 -4.11 -17.72
CA PRO B 190 16.53 -2.87 -17.34
C PRO B 190 16.11 -1.64 -18.13
N SER B 191 16.17 -1.73 -19.46
CA SER B 191 15.81 -0.59 -20.30
C SER B 191 14.35 -0.20 -20.13
N ILE B 192 13.48 -1.18 -19.90
CA ILE B 192 12.07 -0.88 -19.64
C ILE B 192 11.93 -0.06 -18.37
N TYR B 193 12.57 -0.50 -17.28
CA TYR B 193 12.47 0.24 -16.03
C TYR B 193 13.16 1.60 -16.10
N THR B 194 14.14 1.76 -17.00
CA THR B 194 14.87 3.02 -17.06
C THR B 194 14.13 4.04 -17.92
N GLU B 195 13.70 3.65 -19.12
CA GLU B 195 13.03 4.57 -20.03
C GLU B 195 11.65 4.97 -19.55
N PHE B 196 11.03 4.18 -18.67
CA PHE B 196 9.68 4.43 -18.17
C PHE B 196 9.66 4.22 -16.66
N PRO B 197 10.25 5.15 -15.90
CA PRO B 197 10.28 4.95 -14.44
C PRO B 197 8.92 5.16 -13.79
N ASP B 198 8.18 6.20 -14.17
CA ASP B 198 6.91 6.52 -13.52
C ASP B 198 5.78 5.56 -13.89
N GLU B 199 6.02 4.60 -14.78
CA GLU B 199 5.02 3.58 -15.07
C GLU B 199 5.34 2.24 -14.43
N THR B 200 6.60 2.01 -14.07
CA THR B 200 7.05 0.69 -13.62
C THR B 200 7.41 0.63 -12.14
N LEU B 201 7.74 1.76 -11.51
CA LEU B 201 8.13 1.78 -10.11
C LEU B 201 6.96 1.93 -9.14
N ARG B 202 5.74 2.10 -9.64
CA ARG B 202 4.60 2.44 -8.79
C ARG B 202 3.87 1.22 -8.24
N SER B 203 3.86 0.10 -8.95
CA SER B 203 3.10 -1.06 -8.52
C SER B 203 3.83 -2.33 -8.87
N GLY B 204 3.69 -3.34 -8.01
CA GLY B 204 4.36 -4.61 -8.16
C GLY B 204 3.87 -5.48 -9.30
N GLU B 205 3.00 -4.95 -10.15
CA GLU B 205 2.53 -5.70 -11.31
C GLU B 205 3.69 -6.25 -12.11
N LEU B 206 4.58 -5.36 -12.56
CA LEU B 206 5.71 -5.78 -13.39
C LEU B 206 6.71 -6.58 -12.56
N LEU B 207 6.91 -6.19 -11.30
CA LEU B 207 7.80 -6.95 -10.42
C LEU B 207 7.30 -8.37 -10.21
N ASN B 208 6.00 -8.51 -9.94
CA ASN B 208 5.42 -9.84 -9.80
C ASN B 208 5.57 -10.64 -11.09
N MET B 209 5.35 -9.97 -12.23
CA MET B 209 5.54 -10.61 -13.53
C MET B 209 6.94 -11.19 -13.65
N ILE B 210 7.95 -10.41 -13.28
CA ILE B 210 9.33 -10.87 -13.42
C ILE B 210 9.62 -12.01 -12.45
N VAL B 211 9.28 -11.82 -11.17
CA VAL B 211 9.66 -12.81 -10.17
C VAL B 211 8.88 -14.12 -10.33
N ALA B 212 7.72 -14.09 -10.98
CA ALA B 212 6.93 -15.31 -11.13
C ALA B 212 7.57 -16.32 -12.07
N VAL B 213 8.40 -15.85 -13.00
CA VAL B 213 9.02 -16.72 -14.01
C VAL B 213 10.54 -16.73 -13.91
N ILE B 214 11.13 -15.85 -13.12
CA ILE B 214 12.58 -15.65 -13.15
C ILE B 214 13.29 -16.90 -12.62
N ASP B 215 14.51 -17.10 -13.10
CA ASP B 215 15.39 -18.18 -12.67
C ASP B 215 16.43 -17.60 -11.69
N SER B 216 17.15 -18.50 -11.01
CA SER B 216 18.17 -18.06 -10.07
C SER B 216 19.30 -17.31 -10.78
N ALA B 217 19.71 -17.81 -11.96
CA ALA B 217 20.73 -17.10 -12.73
C ALA B 217 20.20 -15.78 -13.26
N GLN B 218 18.93 -15.74 -13.64
CA GLN B 218 18.33 -14.50 -14.09
C GLN B 218 18.14 -13.53 -12.93
N LEU B 219 17.86 -14.05 -11.72
CA LEU B 219 17.82 -13.20 -10.54
C LEU B 219 19.21 -12.66 -10.21
N GLN B 220 20.26 -13.45 -10.48
CA GLN B 220 21.62 -12.98 -10.24
C GLN B 220 22.00 -11.88 -11.23
N GLU B 221 21.68 -12.06 -12.51
CA GLU B 221 21.96 -10.99 -13.45
C GLU B 221 21.13 -9.75 -13.13
N LEU B 222 19.93 -9.92 -12.56
CA LEU B 222 19.11 -8.77 -12.20
C LEU B 222 19.67 -8.03 -10.99
N VAL B 223 20.10 -8.75 -9.95
CA VAL B 223 20.71 -8.09 -8.80
C VAL B 223 22.01 -7.40 -9.22
N CYS B 224 22.76 -8.02 -10.14
CA CYS B 224 23.95 -7.36 -10.67
C CYS B 224 23.59 -6.05 -11.37
N HIS B 225 22.61 -6.10 -12.29
CA HIS B 225 22.16 -4.88 -12.96
C HIS B 225 21.75 -3.81 -11.96
N VAL B 226 21.06 -4.22 -10.89
CA VAL B 226 20.70 -3.26 -9.85
C VAL B 226 21.94 -2.67 -9.20
N MET B 227 22.90 -3.53 -8.85
CA MET B 227 24.09 -3.10 -8.11
C MET B 227 25.09 -2.38 -9.00
N MET B 228 24.82 -2.28 -10.30
CA MET B 228 25.70 -1.63 -11.26
C MET B 228 25.19 -0.27 -11.71
N GLY B 229 24.03 0.16 -11.25
CA GLY B 229 23.48 1.43 -11.67
C GLY B 229 22.69 1.37 -12.95
N ASN B 230 22.38 0.16 -13.43
CA ASN B 230 21.69 -0.03 -14.69
C ASN B 230 20.22 -0.36 -14.55
N LEU B 231 19.78 -0.78 -13.36
CA LEU B 231 18.40 -1.14 -13.12
C LEU B 231 17.98 -0.67 -11.75
N VAL B 232 16.78 -0.07 -11.68
CA VAL B 232 16.19 0.36 -10.42
C VAL B 232 14.72 -0.06 -10.45
N MET B 233 14.33 -0.92 -9.51
CA MET B 233 13.01 -1.55 -9.51
C MET B 233 12.11 -1.08 -8.39
N PHE B 234 12.68 -0.45 -7.36
CA PHE B 234 11.93 0.11 -6.26
C PHE B 234 12.25 1.59 -6.12
N ARG B 235 11.39 2.28 -5.40
CA ARG B 235 11.63 3.67 -5.04
C ARG B 235 11.20 3.82 -3.58
N LYS B 236 11.98 4.63 -2.84
CA LYS B 236 11.76 4.81 -1.42
C LYS B 236 10.29 5.09 -1.08
N ASP B 237 9.56 5.68 -2.02
CA ASP B 237 8.11 5.82 -1.93
C ASP B 237 7.43 4.45 -1.87
N SER B 238 7.44 3.74 -3.00
CA SER B 238 6.56 2.59 -3.22
C SER B 238 7.06 1.30 -2.57
N VAL B 239 8.33 1.22 -2.17
CA VAL B 239 8.93 -0.06 -1.81
C VAL B 239 8.13 -0.74 -0.71
N LEU B 240 7.60 0.03 0.23
CA LEU B 240 6.84 -0.55 1.34
C LEU B 240 5.52 -1.14 0.84
N ASN B 241 4.75 -0.34 0.10
CA ASN B 241 3.54 -0.82 -0.54
C ASN B 241 3.82 -2.09 -1.35
N ILE B 242 4.90 -2.07 -2.12
CA ILE B 242 5.20 -3.19 -3.02
C ILE B 242 5.53 -4.45 -2.22
N LEU B 243 6.24 -4.31 -1.10
CA LEU B 243 6.56 -5.50 -0.31
C LEU B 243 5.33 -6.02 0.43
N ILE B 244 4.49 -5.13 0.94
CA ILE B 244 3.26 -5.56 1.57
C ILE B 244 2.39 -6.30 0.55
N GLN B 245 2.43 -5.87 -0.71
CA GLN B 245 1.77 -6.62 -1.78
C GLN B 245 2.45 -7.96 -1.99
N SER B 246 3.79 -7.97 -2.05
CA SER B 246 4.55 -9.19 -2.27
C SER B 246 4.25 -10.25 -1.22
N LEU B 247 3.72 -9.85 -0.06
CA LEU B 247 3.45 -10.82 0.99
C LEU B 247 2.48 -11.92 0.55
N ASP B 248 1.87 -11.80 -0.64
CA ASP B 248 0.93 -12.79 -1.13
C ASP B 248 1.52 -13.69 -2.22
N TRP B 249 2.77 -13.50 -2.60
CA TRP B 249 3.33 -14.24 -3.73
C TRP B 249 3.85 -15.61 -3.30
N GLU B 250 4.27 -16.38 -4.30
CA GLU B 250 4.86 -17.69 -4.06
C GLU B 250 6.15 -17.56 -3.26
N THR B 251 6.62 -18.69 -2.73
CA THR B 251 7.85 -18.70 -1.93
C THR B 251 9.01 -18.05 -2.67
N PHE B 252 9.37 -18.62 -3.82
CA PHE B 252 10.54 -18.14 -4.54
C PHE B 252 10.32 -16.75 -5.10
N GLU B 253 9.06 -16.39 -5.40
CA GLU B 253 8.76 -15.03 -5.81
C GLU B 253 9.06 -14.04 -4.69
N GLN B 254 8.70 -14.39 -3.45
CA GLN B 254 8.95 -13.51 -2.32
C GLN B 254 10.45 -13.41 -2.01
N TYR B 255 11.15 -14.54 -2.03
CA TYR B 255 12.60 -14.50 -1.89
C TYR B 255 13.24 -13.63 -2.97
N CYS B 256 12.77 -13.73 -4.21
CA CYS B 256 13.31 -12.90 -5.27
C CYS B 256 13.06 -11.42 -5.01
N ALA B 257 11.83 -11.08 -4.58
CA ALA B 257 11.52 -9.69 -4.28
C ALA B 257 12.44 -9.16 -3.19
N TRP B 258 12.66 -9.95 -2.13
CA TRP B 258 13.49 -9.47 -1.02
C TRP B 258 14.95 -9.35 -1.42
N GLN B 259 15.49 -10.34 -2.16
CA GLN B 259 16.86 -10.21 -2.66
C GLN B 259 17.01 -8.98 -3.55
N LEU B 260 16.04 -8.72 -4.42
CA LEU B 260 16.12 -7.56 -5.29
C LEU B 260 16.06 -6.27 -4.48
N PHE B 261 15.28 -6.26 -3.39
CA PHE B 261 15.26 -5.08 -2.53
C PHE B 261 16.60 -4.87 -1.84
N LEU B 262 17.20 -5.95 -1.35
CA LEU B 262 18.53 -5.83 -0.73
C LEU B 262 19.57 -5.40 -1.75
N ALA B 263 19.37 -5.72 -3.03
CA ALA B 263 20.33 -5.31 -4.05
C ALA B 263 20.31 -3.81 -4.28
N HIS B 264 19.25 -3.13 -3.89
CA HIS B 264 19.21 -1.68 -3.93
C HIS B 264 19.93 -1.15 -2.69
N ASN B 265 19.85 0.17 -2.47
CA ASN B 265 20.45 0.75 -1.27
C ASN B 265 19.39 1.54 -0.51
N ILE B 266 18.29 0.87 -0.16
CA ILE B 266 17.21 1.46 0.61
C ILE B 266 17.38 1.01 2.06
N PRO B 267 17.53 1.93 3.01
CA PRO B 267 17.79 1.52 4.40
C PRO B 267 16.61 0.77 4.99
N LEU B 268 16.92 -0.18 5.87
CA LEU B 268 15.92 -1.09 6.41
C LEU B 268 14.75 -0.35 7.03
N GLU B 269 15.02 0.80 7.66
CA GLU B 269 13.97 1.49 8.41
C GLU B 269 12.79 1.85 7.51
N THR B 270 13.09 2.29 6.28
CA THR B 270 12.03 2.62 5.33
C THR B 270 10.96 1.55 5.24
N ILE B 271 11.32 0.28 5.46
CA ILE B 271 10.38 -0.82 5.35
C ILE B 271 10.18 -1.57 6.66
N ILE B 272 10.76 -1.13 7.77
CA ILE B 272 10.58 -1.89 9.01
C ILE B 272 9.13 -1.83 9.54
N PRO B 273 8.29 -0.82 9.18
CA PRO B 273 6.87 -0.94 9.53
C PRO B 273 6.19 -2.21 9.02
N ILE B 274 6.77 -2.87 8.00
CA ILE B 274 6.16 -4.08 7.48
C ILE B 274 6.04 -5.14 8.57
N LEU B 275 6.82 -5.01 9.64
CA LEU B 275 6.75 -5.93 10.76
C LEU B 275 5.34 -6.03 11.32
N GLN B 276 4.55 -4.96 11.19
CA GLN B 276 3.14 -5.04 11.60
C GLN B 276 2.41 -6.13 10.83
N HIS B 277 2.71 -6.26 9.54
CA HIS B 277 1.97 -7.15 8.66
C HIS B 277 2.50 -8.58 8.67
N LEU B 278 3.71 -8.79 9.18
CA LEU B 278 4.33 -10.11 9.16
C LEU B 278 3.63 -11.01 10.18
N LYS B 279 2.91 -12.02 9.71
CA LYS B 279 2.15 -12.92 10.55
C LYS B 279 2.92 -14.23 10.67
N TYR B 280 3.11 -14.70 11.91
CA TYR B 280 3.87 -15.91 12.22
C TYR B 280 3.65 -17.03 11.21
N LYS B 281 2.42 -17.55 11.17
CA LYS B 281 2.15 -18.77 10.40
C LYS B 281 2.22 -18.52 8.90
N GLU B 282 1.90 -17.31 8.47
CA GLU B 282 1.60 -17.04 7.06
C GLU B 282 2.79 -16.55 6.24
N HIS B 283 3.82 -15.97 6.85
CA HIS B 283 4.83 -15.21 6.12
C HIS B 283 6.25 -15.64 6.54
N PRO B 284 6.68 -16.84 6.15
CA PRO B 284 8.03 -17.28 6.54
C PRO B 284 9.16 -16.53 5.85
N GLU B 285 9.02 -16.25 4.55
CA GLU B 285 10.15 -15.73 3.78
C GLU B 285 10.50 -14.31 4.18
N ALA B 286 9.50 -13.43 4.27
CA ALA B 286 9.77 -12.05 4.64
C ALA B 286 10.26 -11.96 6.07
N LEU B 287 9.73 -12.81 6.95
CA LEU B 287 10.23 -12.85 8.33
C LEU B 287 11.69 -13.28 8.36
N SER B 288 12.07 -14.27 7.55
CA SER B 288 13.44 -14.77 7.55
C SER B 288 14.40 -13.71 7.02
N CYS B 289 14.05 -13.08 5.90
CA CYS B 289 14.93 -12.05 5.35
C CYS B 289 15.00 -10.84 6.29
N LEU B 290 13.88 -10.46 6.91
CA LEU B 290 13.89 -9.32 7.82
C LEU B 290 14.69 -9.61 9.08
N LEU B 291 14.64 -10.85 9.58
CA LEU B 291 15.46 -11.21 10.73
C LEU B 291 16.94 -11.16 10.38
N LEU B 292 17.31 -11.83 9.28
CA LEU B 292 18.71 -11.90 8.90
C LEU B 292 19.27 -10.54 8.51
N GLN B 293 18.42 -9.58 8.16
CA GLN B 293 18.88 -8.24 7.88
C GLN B 293 18.85 -7.33 9.10
N LEU B 294 17.85 -7.51 9.99
CA LEU B 294 17.75 -6.73 11.21
C LEU B 294 18.86 -7.05 12.19
N ARG B 295 19.39 -8.28 12.18
CA ARG B 295 20.50 -8.59 13.07
C ARG B 295 21.68 -7.65 12.84
N ARG B 296 21.84 -7.16 11.62
CA ARG B 296 23.02 -6.42 11.20
C ARG B 296 22.87 -4.92 11.41
N GLU B 297 21.81 -4.49 12.08
CA GLU B 297 21.48 -3.08 12.26
C GLU B 297 21.66 -2.65 13.70
N LYS B 298 22.10 -1.42 13.90
CA LYS B 298 22.08 -0.79 15.21
C LYS B 298 20.64 -0.44 15.55
N PRO B 299 20.05 -1.00 16.61
CA PRO B 299 18.60 -0.86 16.82
C PRO B 299 18.21 0.56 17.20
N SER B 300 17.32 1.14 16.42
CA SER B 300 16.63 2.35 16.84
C SER B 300 15.50 2.00 17.82
N GLU B 301 14.94 3.02 18.46
CA GLU B 301 13.83 2.78 19.36
C GLU B 301 12.57 2.40 18.60
N GLU B 302 12.40 2.92 17.38
CA GLU B 302 11.23 2.53 16.58
C GLU B 302 11.33 1.08 16.14
N MET B 303 12.53 0.59 15.83
CA MET B 303 12.66 -0.81 15.45
C MET B 303 12.36 -1.73 16.62
N VAL B 304 12.80 -1.37 17.83
CA VAL B 304 12.52 -2.24 18.97
C VAL B 304 11.04 -2.14 19.37
N LYS B 305 10.42 -0.98 19.15
CA LYS B 305 8.97 -0.89 19.34
C LYS B 305 8.24 -1.78 18.34
N MET B 306 8.69 -1.78 17.08
CA MET B 306 8.07 -2.59 16.05
C MET B 306 8.26 -4.08 16.33
N VAL B 307 9.42 -4.45 16.88
CA VAL B 307 9.69 -5.85 17.19
C VAL B 307 8.88 -6.29 18.41
N LEU B 308 8.74 -5.41 19.40
CA LEU B 308 7.95 -5.74 20.58
C LEU B 308 6.45 -5.67 20.34
N SER B 309 6.02 -4.96 19.30
CA SER B 309 4.60 -4.79 18.99
C SER B 309 4.03 -5.95 18.20
N ARG B 310 4.74 -7.06 18.14
CA ARG B 310 4.22 -8.25 17.49
C ARG B 310 3.68 -9.21 18.55
N PRO B 311 2.64 -9.97 18.22
CA PRO B 311 2.04 -10.87 19.20
C PRO B 311 3.05 -11.85 19.78
N CYS B 312 2.77 -12.32 20.99
CA CYS B 312 3.55 -13.37 21.62
C CYS B 312 2.87 -14.70 21.32
N HIS B 313 3.42 -15.44 20.36
CA HIS B 313 2.99 -16.80 20.09
C HIS B 313 4.10 -17.74 20.52
N PRO B 314 3.80 -18.82 21.24
CA PRO B 314 4.87 -19.68 21.77
C PRO B 314 5.69 -20.38 20.70
N ASP B 315 5.24 -20.36 19.45
CA ASP B 315 5.99 -20.90 18.32
C ASP B 315 6.63 -19.82 17.47
N ASP B 316 6.49 -18.55 17.85
CA ASP B 316 7.08 -17.42 17.14
C ASP B 316 8.38 -17.05 17.82
N GLN B 317 9.51 -17.23 17.12
CA GLN B 317 10.83 -17.02 17.67
C GLN B 317 11.53 -15.79 17.08
N PHE B 318 10.82 -14.96 16.33
CA PHE B 318 11.44 -13.80 15.69
C PHE B 318 11.91 -12.79 16.72
N THR B 319 10.99 -12.38 17.60
CA THR B 319 11.26 -11.28 18.52
C THR B 319 12.37 -11.63 19.49
N THR B 320 12.31 -12.82 20.10
CA THR B 320 13.33 -13.19 21.06
C THR B 320 14.69 -13.38 20.39
N SER B 321 14.71 -13.89 19.16
CA SER B 321 15.97 -14.02 18.42
C SER B 321 16.62 -12.66 18.19
N ILE B 322 15.87 -11.73 17.60
CA ILE B 322 16.45 -10.43 17.28
C ILE B 322 16.82 -9.67 18.56
N LEU B 323 16.02 -9.82 19.61
CA LEU B 323 16.34 -9.17 20.88
C LEU B 323 17.60 -9.76 21.50
N ARG B 324 17.77 -11.08 21.42
CA ARG B 324 18.99 -11.70 21.91
C ARG B 324 20.21 -11.16 21.18
N HIS B 325 20.14 -11.11 19.85
CA HIS B 325 21.26 -10.57 19.08
C HIS B 325 21.58 -9.13 19.49
N TRP B 326 20.56 -8.27 19.52
CA TRP B 326 20.79 -6.87 19.85
C TRP B 326 21.35 -6.72 21.26
N CYS B 327 20.77 -7.42 22.23
CA CYS B 327 21.21 -7.30 23.61
C CYS B 327 22.58 -7.92 23.84
N MET B 328 23.06 -8.74 22.91
CA MET B 328 24.42 -9.25 23.06
C MET B 328 25.45 -8.37 22.37
N LYS B 329 25.09 -7.66 21.30
CA LYS B 329 26.06 -6.76 20.67
C LYS B 329 25.82 -5.28 20.98
N HIS B 330 24.57 -4.85 21.04
CA HIS B 330 24.23 -3.47 21.38
C HIS B 330 23.51 -3.48 22.72
N ASP B 331 24.23 -3.84 23.78
CA ASP B 331 23.59 -4.09 25.08
C ASP B 331 23.00 -2.82 25.69
N GLU B 332 23.83 -1.78 25.86
CA GLU B 332 23.33 -0.59 26.55
C GLU B 332 22.38 0.22 25.68
N LEU B 333 22.56 0.22 24.37
CA LEU B 333 21.60 0.91 23.50
C LEU B 333 20.23 0.25 23.52
N LEU B 334 20.20 -1.09 23.41
CA LEU B 334 18.93 -1.79 23.51
C LEU B 334 18.29 -1.57 24.88
N ALA B 335 19.11 -1.60 25.94
CA ALA B 335 18.57 -1.34 27.29
C ALA B 335 17.98 0.05 27.38
N GLU B 336 18.65 1.04 26.79
CA GLU B 336 18.13 2.41 26.79
C GLU B 336 16.80 2.48 26.05
N HIS B 337 16.70 1.82 24.89
CA HIS B 337 15.48 1.89 24.11
C HIS B 337 14.31 1.21 24.82
N ILE B 338 14.55 0.04 25.41
CA ILE B 338 13.44 -0.63 26.08
C ILE B 338 13.09 0.08 27.38
N LYS B 339 14.06 0.77 28.01
CA LYS B 339 13.74 1.60 29.16
C LYS B 339 12.85 2.77 28.76
N SER B 340 13.19 3.44 27.66
CA SER B 340 12.37 4.55 27.18
C SER B 340 10.99 4.07 26.76
N LEU B 341 10.89 2.82 26.29
CA LEU B 341 9.61 2.27 25.91
C LEU B 341 8.78 1.88 27.14
N LEU B 342 9.44 1.43 28.21
CA LEU B 342 8.71 0.98 29.39
C LEU B 342 8.01 2.12 30.11
N ILE B 343 8.58 3.33 30.07
CA ILE B 343 7.95 4.47 30.73
C ILE B 343 6.92 5.11 29.79
N LYS B 344 5.98 4.29 29.31
CA LYS B 344 4.70 4.75 28.78
C LYS B 344 4.86 5.50 27.45
N ASN B 345 5.74 5.01 26.58
CA ASN B 345 5.87 5.58 25.24
C ASN B 345 5.19 4.71 24.19
N GLN B 364 -1.91 -3.73 20.45
CA GLN B 364 -1.31 -2.57 21.09
C GLN B 364 -0.03 -3.00 21.78
N LEU B 365 0.86 -2.04 22.08
CA LEU B 365 1.99 -2.34 22.95
C LEU B 365 1.55 -2.01 24.37
N THR B 366 0.87 -2.98 24.96
CA THR B 366 0.58 -2.91 26.38
C THR B 366 1.81 -3.28 27.18
N LEU B 367 1.81 -2.89 28.45
CA LEU B 367 2.99 -3.11 29.28
C LEU B 367 3.27 -4.60 29.49
N GLU B 368 2.21 -5.41 29.60
CA GLU B 368 2.42 -6.84 29.82
C GLU B 368 3.02 -7.52 28.60
N GLN B 369 2.78 -7.00 27.39
CA GLN B 369 3.42 -7.58 26.21
C GLN B 369 4.93 -7.36 26.25
N ILE B 370 5.35 -6.13 26.52
CA ILE B 370 6.77 -5.85 26.71
C ILE B 370 7.34 -6.73 27.81
N LEU B 371 6.61 -6.89 28.91
CA LEU B 371 7.11 -7.69 30.02
C LEU B 371 7.25 -9.16 29.62
N GLU B 372 6.32 -9.68 28.84
CA GLU B 372 6.41 -11.08 28.41
C GLU B 372 7.56 -11.29 27.43
N HIS B 373 7.73 -10.37 26.48
CA HIS B 373 8.87 -10.49 25.57
C HIS B 373 10.18 -10.42 26.34
N LEU B 374 10.25 -9.53 27.33
CA LEU B 374 11.47 -9.42 28.14
C LEU B 374 11.68 -10.67 29.00
N ASP B 375 10.60 -11.28 29.48
CA ASP B 375 10.73 -12.51 30.26
C ASP B 375 11.20 -13.67 29.39
N ASN B 376 10.71 -13.73 28.14
CA ASN B 376 11.22 -14.71 27.20
C ASN B 376 12.72 -14.50 26.97
N LEU B 377 13.11 -13.24 26.75
CA LEU B 377 14.53 -12.92 26.58
C LEU B 377 15.34 -13.32 27.81
N ARG B 378 14.81 -13.06 29.00
CA ARG B 378 15.50 -13.42 30.23
C ARG B 378 15.68 -14.92 30.35
N LEU B 379 14.60 -15.68 30.15
CA LEU B 379 14.67 -17.12 30.27
C LEU B 379 15.57 -17.72 29.19
N ASN B 380 15.73 -17.03 28.07
CA ASN B 380 16.61 -17.52 27.01
C ASN B 380 18.06 -17.17 27.29
N LEU B 381 18.33 -15.99 27.87
CA LEU B 381 19.69 -15.52 28.04
C LEU B 381 20.48 -16.34 29.05
N THR B 382 19.83 -17.18 29.85
CA THR B 382 20.56 -18.13 30.69
C THR B 382 21.33 -19.13 29.85
N ASN B 383 20.96 -19.29 28.58
CA ASN B 383 21.72 -20.13 27.66
C ASN B 383 23.18 -19.67 27.57
N THR B 384 23.43 -18.38 27.77
CA THR B 384 24.74 -17.78 27.52
C THR B 384 25.16 -16.93 28.71
N LYS B 385 26.36 -16.38 28.62
CA LYS B 385 26.93 -15.50 29.62
C LYS B 385 26.61 -14.06 29.21
N GLN B 386 25.48 -13.55 29.70
CA GLN B 386 25.01 -12.23 29.27
C GLN B 386 24.48 -11.45 30.46
N ASN B 387 25.21 -10.40 30.84
CA ASN B 387 24.81 -9.51 31.92
C ASN B 387 23.83 -8.44 31.45
N PHE B 388 23.06 -8.73 30.40
CA PHE B 388 22.16 -7.72 29.85
C PHE B 388 21.10 -7.28 30.84
N PHE B 389 20.66 -8.18 31.72
CA PHE B 389 19.68 -7.82 32.73
C PHE B 389 20.34 -7.24 33.98
N SER B 390 21.61 -6.86 33.86
CA SER B 390 22.32 -6.07 34.85
C SER B 390 22.46 -4.60 34.44
N GLN B 391 22.13 -4.27 33.18
CA GLN B 391 22.15 -2.88 32.73
C GLN B 391 21.33 -2.00 33.67
N THR B 392 21.84 -0.81 33.93
CA THR B 392 21.19 0.11 34.86
C THR B 392 19.87 0.65 34.30
N PRO B 393 19.79 1.02 33.00
CA PRO B 393 18.47 1.41 32.46
C PRO B 393 17.39 0.36 32.65
N ILE B 394 17.70 -0.92 32.43
CA ILE B 394 16.65 -1.93 32.49
C ILE B 394 16.18 -2.16 33.93
N LEU B 395 17.10 -2.09 34.90
CA LEU B 395 16.67 -2.29 36.29
C LEU B 395 15.90 -1.07 36.78
N GLN B 396 16.36 0.13 36.41
CA GLN B 396 15.64 1.35 36.72
C GLN B 396 14.22 1.29 36.17
N ALA B 397 14.09 0.90 34.90
CA ALA B 397 12.78 0.80 34.27
C ALA B 397 11.92 -0.26 34.95
N LEU B 398 12.49 -1.42 35.25
CA LEU B 398 11.72 -2.48 35.91
C LEU B 398 11.13 -2.01 37.23
N GLN B 399 11.96 -1.41 38.09
CA GLN B 399 11.43 -0.96 39.38
C GLN B 399 10.43 0.17 39.22
N HIS B 400 10.69 1.11 38.30
CA HIS B 400 9.72 2.18 38.06
C HIS B 400 8.39 1.62 37.59
N VAL B 401 8.42 0.64 36.69
CA VAL B 401 7.21 0.06 36.11
C VAL B 401 6.42 -0.72 37.15
N GLN B 402 7.09 -1.55 37.95
CA GLN B 402 6.38 -2.49 38.82
C GLN B 402 5.35 -1.80 39.71
N ALA B 403 5.67 -0.60 40.21
CA ALA B 403 4.76 0.13 41.08
C ALA B 403 3.39 0.38 40.45
N ALA B 408 -1.94 -5.89 38.67
CA ALA B 408 -2.77 -7.03 38.30
C ALA B 408 -1.89 -8.16 37.76
N HIS B 409 -1.16 -7.86 36.69
CA HIS B 409 -0.26 -8.79 35.99
C HIS B 409 0.97 -9.15 36.80
N LYS B 410 1.10 -8.57 38.01
CA LYS B 410 2.34 -8.65 38.78
C LYS B 410 2.81 -10.08 39.01
N MET B 411 1.92 -10.95 39.49
CA MET B 411 2.35 -12.31 39.82
C MET B 411 2.82 -13.06 38.58
N LYS B 412 2.45 -12.59 37.39
CA LYS B 412 2.92 -13.22 36.16
C LYS B 412 4.42 -13.07 35.97
N PHE B 413 5.03 -11.96 36.41
CA PHE B 413 6.42 -11.68 36.09
C PHE B 413 7.30 -11.44 37.32
N SER B 414 7.04 -12.17 38.42
CA SER B 414 7.79 -11.95 39.65
C SER B 414 9.30 -12.05 39.41
N ASP B 415 9.73 -13.18 38.83
CA ASP B 415 11.13 -13.39 38.48
C ASP B 415 11.73 -12.15 37.84
N LEU B 416 11.05 -11.60 36.83
CA LEU B 416 11.62 -10.48 36.10
C LEU B 416 11.86 -9.31 37.04
N PHE B 417 10.82 -8.89 37.77
CA PHE B 417 11.00 -7.77 38.69
C PHE B 417 12.02 -8.11 39.76
N SER B 418 12.13 -9.40 40.11
CA SER B 418 13.05 -9.80 41.16
C SER B 418 14.50 -9.57 40.77
N LEU B 419 14.80 -9.50 39.47
CA LEU B 419 16.18 -9.21 39.09
C LEU B 419 16.57 -7.78 39.44
N ALA B 420 15.59 -6.87 39.52
CA ALA B 420 15.86 -5.49 39.87
C ALA B 420 15.58 -5.19 41.34
N GLU B 421 15.23 -6.20 42.11
CA GLU B 421 14.80 -6.02 43.50
C GLU B 421 15.77 -6.61 44.50
N GLU B 422 16.03 -7.91 44.42
CA GLU B 422 16.75 -8.63 45.47
C GLU B 422 18.26 -8.63 45.20
#